data_3RAO
#
_entry.id   3RAO
#
_cell.length_a   126.807
_cell.length_b   126.807
_cell.length_c   124.234
_cell.angle_alpha   90.00
_cell.angle_beta   90.00
_cell.angle_gamma   120.00
#
_symmetry.space_group_name_H-M   'P 31 2 1'
#
loop_
_entity.id
_entity.type
_entity.pdbx_description
1 polymer 'Putative Luciferase-like Monooxygenase'
2 non-polymer 'SULFATE ION'
3 water water
#
_entity_poly.entity_id   1
_entity_poly.type   'polypeptide(L)'
_entity_poly.pdbx_seq_one_letter_code
;(MSE)GSSHHHHHHSSGRENLYFQGVEYGFWLPIFGGWLRNVNDES(MSE)PPTFEYAKQTAQAAEQLGFSTTLIAELNL
NDIKGVSAPSLEAWTTAAALAAVTDRLEI(MSE)TAVRPGFHNPAVTAK(MSE)AANIDQLSNGRFTLNVVSAWWEEEAK
QYGGVFTAHDERYDRTEEFVTILKGLWKEEEFSYKGNFYELHHTHLSPKPVQKQGIKLYAGGESKRGKEVIVNHADAYV
(MSE)HGGTVEEVSVKIED(MSE)KNRRKKVTEEPLQSFGLAAYVICRHTEEEALEEWRRITDVKDDALGYAGYQDFVSK
SQLEQQVKLNDYSVSNRGLRPNLIGTPEQIAERILAFEKVGVTLLLLQFSPQLEE(MSE)KRFSEKV(MSE)PLVEAKRK
ELIT
;
_entity_poly.pdbx_strand_id   A,B
#
loop_
_chem_comp.id
_chem_comp.type
_chem_comp.name
_chem_comp.formula
SO4 non-polymer 'SULFATE ION' 'O4 S -2'
#
# COMPACT_ATOMS: atom_id res chain seq x y z
N TYR A 18 4.33 20.86 -11.64
CA TYR A 18 5.22 20.01 -10.81
C TYR A 18 4.57 18.66 -10.48
N PHE A 19 5.39 17.77 -9.94
CA PHE A 19 4.94 16.46 -9.45
C PHE A 19 4.80 16.55 -7.92
N GLN A 20 4.03 17.53 -7.44
CA GLN A 20 4.00 17.89 -6.01
C GLN A 20 2.60 18.24 -5.47
N GLY A 21 1.72 17.22 -5.38
CA GLY A 21 0.34 17.39 -4.88
C GLY A 21 0.03 16.88 -3.47
N VAL A 22 -1.25 16.61 -3.21
CA VAL A 22 -1.75 16.38 -1.85
C VAL A 22 -1.10 15.11 -1.24
N GLU A 23 -0.71 15.16 0.03
CA GLU A 23 -0.20 13.96 0.72
C GLU A 23 -1.40 13.14 1.29
N TYR A 24 -1.31 11.83 1.30
CA TYR A 24 -2.37 11.02 1.90
C TYR A 24 -1.97 10.56 3.29
N GLY A 25 -2.70 11.03 4.28
CA GLY A 25 -2.49 10.61 5.66
C GLY A 25 -3.72 9.77 6.06
N PHE A 26 -3.61 9.04 7.17
CA PHE A 26 -4.71 8.26 7.70
C PHE A 26 -4.71 8.32 9.23
N TRP A 27 -5.88 8.24 9.86
CA TRP A 27 -5.90 8.12 11.31
C TRP A 27 -5.54 6.67 11.72
N LEU A 28 -4.63 6.53 12.66
CA LEU A 28 -4.22 5.23 13.11
C LEU A 28 -5.40 4.64 13.84
N PRO A 29 -5.78 3.41 13.49
CA PRO A 29 -6.97 2.87 14.12
C PRO A 29 -6.64 2.41 15.55
N ILE A 30 -7.18 3.10 16.55
CA ILE A 30 -6.86 2.83 17.95
C ILE A 30 -8.07 2.62 18.82
N PHE A 31 -9.26 2.68 18.22
CA PHE A 31 -10.50 2.53 18.95
C PHE A 31 -11.32 1.32 18.59
N GLY A 32 -10.80 0.42 17.77
CA GLY A 32 -11.59 -0.75 17.41
C GLY A 32 -12.62 -0.45 16.33
N GLY A 33 -12.41 0.64 15.59
CA GLY A 33 -13.37 1.09 14.60
C GLY A 33 -13.50 2.60 14.62
N TRP A 34 -14.24 3.13 13.65
CA TRP A 34 -14.46 4.54 13.49
C TRP A 34 -15.94 4.90 13.58
N LEU A 35 -16.83 3.92 13.76
CA LEU A 35 -18.28 4.15 13.55
C LEU A 35 -19.07 3.93 14.82
N ARG A 36 -19.65 5.00 15.35
CA ARG A 36 -20.50 4.92 16.54
C ARG A 36 -21.72 4.00 16.33
N ASN A 37 -22.25 3.93 15.11
CA ASN A 37 -23.46 3.14 14.87
C ASN A 37 -23.29 1.67 14.46
N VAL A 38 -22.06 1.17 14.39
CA VAL A 38 -21.82 -0.21 13.94
C VAL A 38 -21.07 -0.90 15.07
N ASN A 39 -21.30 -2.18 15.29
CA ASN A 39 -20.63 -2.87 16.39
C ASN A 39 -19.26 -3.37 15.98
N ASP A 40 -19.26 -4.37 15.09
CA ASP A 40 -18.02 -4.98 14.65
C ASP A 40 -17.65 -4.47 13.27
N GLU A 41 -16.49 -3.84 13.15
CA GLU A 41 -15.97 -3.39 11.87
C GLU A 41 -14.75 -4.21 11.41
N SER A 42 -14.47 -5.35 12.05
CA SER A 42 -13.30 -6.16 11.68
C SER A 42 -12.05 -5.33 11.86
N MSE A 43 -12.03 -4.55 12.94
CA MSE A 43 -10.87 -3.69 13.24
C MSE A 43 -10.51 -3.91 14.70
O MSE A 43 -10.89 -3.13 15.56
CB MSE A 43 -11.22 -2.21 12.99
CG MSE A 43 -11.36 -1.90 11.54
SE MSE A 43 -11.97 -0.07 11.18
CE MSE A 43 -10.44 0.88 12.01
N PRO A 44 -9.78 -4.99 15.00
CA PRO A 44 -9.51 -5.20 16.42
C PRO A 44 -8.76 -4.03 17.03
N PRO A 45 -9.10 -3.65 18.25
CA PRO A 45 -8.43 -2.58 18.96
C PRO A 45 -7.10 -3.04 19.56
N THR A 46 -6.16 -3.47 18.72
CA THR A 46 -4.89 -3.96 19.21
C THR A 46 -3.78 -3.21 18.49
N PHE A 47 -2.61 -3.26 19.11
CA PHE A 47 -1.43 -2.74 18.49
C PHE A 47 -1.11 -3.52 17.24
N GLU A 48 -1.35 -4.84 17.23
CA GLU A 48 -1.06 -5.61 16.02
C GLU A 48 -1.83 -5.07 14.86
N TYR A 49 -3.11 -4.75 15.05
CA TYR A 49 -3.89 -4.25 13.93
C TYR A 49 -3.38 -2.87 13.49
N ALA A 50 -3.05 -2.01 14.46
CA ALA A 50 -2.51 -0.69 14.14
C ALA A 50 -1.21 -0.80 13.30
N LYS A 51 -0.35 -1.71 13.71
CA LYS A 51 0.94 -1.88 13.10
C LYS A 51 0.78 -2.42 11.70
N GLN A 52 -0.11 -3.39 11.53
CA GLN A 52 -0.35 -3.97 10.23
C GLN A 52 -0.84 -2.92 9.23
N THR A 53 -1.81 -2.12 9.69
CA THR A 53 -2.38 -1.03 8.94
C THR A 53 -1.30 -0.02 8.60
N ALA A 54 -0.47 0.33 9.58
CA ALA A 54 0.59 1.31 9.35
C ALA A 54 1.68 0.82 8.38
N GLN A 55 2.08 -0.44 8.50
CA GLN A 55 3.10 -0.96 7.61
C GLN A 55 2.55 -1.12 6.18
N ALA A 56 1.28 -1.48 6.02
CA ALA A 56 0.68 -1.57 4.69
C ALA A 56 0.53 -0.14 4.09
N ALA A 57 0.16 0.83 4.92
CA ALA A 57 -0.03 2.19 4.44
C ALA A 57 1.24 2.72 3.82
N GLU A 58 2.36 2.44 4.45
CA GLU A 58 3.66 2.82 3.88
C GLU A 58 3.89 2.19 2.50
N GLN A 59 3.42 0.96 2.27
CA GLN A 59 3.61 0.30 0.95
C GLN A 59 2.62 0.88 -0.10
N LEU A 60 1.52 1.46 0.38
CA LEU A 60 0.42 1.86 -0.48
C LEU A 60 0.46 3.36 -0.82
N GLY A 61 1.48 4.07 -0.36
CA GLY A 61 1.61 5.50 -0.70
C GLY A 61 1.08 6.50 0.30
N PHE A 62 0.76 6.06 1.52
CA PHE A 62 0.36 7.02 2.55
C PHE A 62 1.64 7.50 3.21
N SER A 63 1.73 8.79 3.42
CA SER A 63 2.94 9.35 3.93
C SER A 63 2.87 9.63 5.44
N THR A 64 1.68 9.75 6.01
CA THR A 64 1.50 10.24 7.41
C THR A 64 0.37 9.54 8.16
N THR A 65 0.60 9.18 9.44
CA THR A 65 -0.49 8.75 10.33
C THR A 65 -0.72 9.74 11.45
N LEU A 66 -1.98 10.00 11.79
CA LEU A 66 -2.32 10.80 12.98
C LEU A 66 -2.82 9.86 14.06
N ILE A 67 -2.22 9.94 15.24
CA ILE A 67 -2.61 9.10 16.37
C ILE A 67 -3.34 9.99 17.38
N ALA A 68 -4.67 9.85 17.49
CA ALA A 68 -5.47 10.66 18.44
C ALA A 68 -5.04 10.35 19.88
N GLU A 69 -5.23 11.30 20.79
CA GLU A 69 -4.95 11.07 22.19
C GLU A 69 -6.21 11.24 23.01
N LEU A 70 -6.71 10.11 23.52
CA LEU A 70 -7.78 10.07 24.48
C LEU A 70 -7.50 8.91 25.45
N ASN A 71 -7.89 9.09 26.69
CA ASN A 71 -7.75 8.08 27.72
C ASN A 71 -8.99 7.16 27.80
N LEU A 72 -10.03 7.54 27.03
CA LEU A 72 -11.30 6.83 26.95
C LEU A 72 -11.76 6.74 25.47
N ASN A 73 -12.45 5.66 25.15
CA ASN A 73 -12.84 5.39 23.78
C ASN A 73 -14.12 6.17 23.50
N ASP A 74 -13.99 7.27 22.78
CA ASP A 74 -15.14 8.10 22.44
C ASP A 74 -15.90 7.67 21.17
N ILE A 75 -15.50 6.57 20.51
CA ILE A 75 -16.25 5.98 19.38
C ILE A 75 -17.14 4.81 19.85
N LYS A 76 -16.57 3.90 20.66
CA LYS A 76 -17.27 2.70 21.07
C LYS A 76 -17.73 2.71 22.51
N GLY A 77 -17.34 3.70 23.31
CA GLY A 77 -17.80 3.79 24.69
C GLY A 77 -16.68 3.69 25.72
N VAL A 78 -16.85 4.40 26.84
CA VAL A 78 -15.80 4.57 27.82
C VAL A 78 -15.22 3.25 28.34
N SER A 79 -15.97 2.16 28.27
CA SER A 79 -15.41 0.90 28.74
C SER A 79 -14.88 0.04 27.59
N ALA A 80 -14.91 0.54 26.37
CA ALA A 80 -14.40 -0.18 25.22
C ALA A 80 -12.85 0.04 25.07
N PRO A 81 -12.12 -1.00 24.66
CA PRO A 81 -10.67 -0.93 24.63
C PRO A 81 -10.15 0.14 23.68
N SER A 82 -9.09 0.84 24.05
CA SER A 82 -8.49 1.84 23.17
C SER A 82 -7.00 1.90 23.43
N LEU A 83 -6.23 2.17 22.38
CA LEU A 83 -4.80 2.20 22.49
C LEU A 83 -4.35 3.57 23.03
N GLU A 84 -3.33 3.62 23.85
CA GLU A 84 -2.77 4.90 24.35
C GLU A 84 -1.83 5.58 23.32
N ALA A 85 -1.94 6.89 23.15
CA ALA A 85 -1.28 7.57 22.03
C ALA A 85 0.25 7.55 22.06
N TRP A 86 0.87 8.03 23.14
CA TRP A 86 2.31 8.18 23.14
C TRP A 86 3.10 6.88 23.13
N THR A 87 2.66 5.89 23.87
CA THR A 87 3.32 4.60 23.85
C THR A 87 3.07 3.85 22.53
N THR A 88 1.89 4.02 21.92
CA THR A 88 1.63 3.48 20.61
C THR A 88 2.55 4.16 19.55
N ALA A 89 2.71 5.47 19.67
CA ALA A 89 3.58 6.19 18.74
C ALA A 89 5.03 5.72 18.79
N ALA A 90 5.53 5.52 19.99
CA ALA A 90 6.88 5.06 20.19
C ALA A 90 7.05 3.65 19.64
N ALA A 91 6.12 2.76 19.96
CA ALA A 91 6.22 1.39 19.46
C ALA A 91 6.12 1.36 17.92
N LEU A 92 5.20 2.12 17.35
CA LEU A 92 5.06 2.21 15.89
C LEU A 92 6.28 2.81 15.17
N ALA A 93 6.88 3.85 15.77
CA ALA A 93 8.15 4.42 15.28
C ALA A 93 9.21 3.36 15.14
N ALA A 94 9.26 2.42 16.08
CA ALA A 94 10.33 1.40 16.08
C ALA A 94 10.19 0.32 14.99
N VAL A 95 8.95 0.12 14.52
CA VAL A 95 8.65 -0.91 13.52
C VAL A 95 8.26 -0.36 12.12
N THR A 96 8.42 0.94 11.90
CA THR A 96 8.24 1.53 10.60
C THR A 96 9.56 2.21 10.23
N ASP A 97 9.68 2.64 8.99
CA ASP A 97 10.90 3.34 8.53
C ASP A 97 10.72 4.61 7.72
N ARG A 98 9.54 4.85 7.15
CA ARG A 98 9.30 6.09 6.39
C ARG A 98 8.05 6.85 6.78
N LEU A 99 7.09 6.21 7.43
CA LEU A 99 5.87 6.87 7.86
C LEU A 99 6.11 8.03 8.82
N GLU A 100 5.48 9.16 8.53
CA GLU A 100 5.49 10.25 9.49
C GLU A 100 4.44 9.97 10.60
N ILE A 101 4.84 10.11 11.86
CA ILE A 101 3.96 9.73 12.96
C ILE A 101 3.59 10.94 13.76
N MSE A 102 2.42 11.46 13.46
CA MSE A 102 1.87 12.64 14.07
C MSE A 102 1.08 12.20 15.28
O MSE A 102 0.18 11.38 15.18
CB MSE A 102 0.95 13.35 13.08
CG MSE A 102 0.47 14.70 13.64
SE MSE A 102 -0.91 15.57 12.56
CE MSE A 102 -0.34 15.01 10.80
N THR A 103 1.38 12.76 16.43
CA THR A 103 0.78 12.30 17.67
C THR A 103 0.10 13.47 18.36
N ALA A 104 -1.15 13.30 18.75
CA ALA A 104 -1.90 14.34 19.45
C ALA A 104 -1.36 14.53 20.86
N VAL A 105 -1.41 15.77 21.36
CA VAL A 105 -1.02 16.04 22.72
C VAL A 105 -1.93 17.15 23.27
N ARG A 106 -2.55 16.91 24.43
CA ARG A 106 -3.35 17.93 25.16
C ARG A 106 -2.54 18.49 26.32
N PRO A 107 -2.28 19.80 26.34
CA PRO A 107 -1.43 20.36 27.38
C PRO A 107 -1.87 19.99 28.80
N GLY A 108 -3.18 20.00 29.04
CA GLY A 108 -3.71 19.70 30.36
C GLY A 108 -3.53 18.27 30.86
N PHE A 109 -3.12 17.35 29.98
CA PHE A 109 -2.83 16.01 30.46
C PHE A 109 -1.34 15.71 30.53
N HIS A 110 -0.53 16.72 30.27
CA HIS A 110 0.88 16.52 30.11
C HIS A 110 1.72 17.53 30.89
N ASN A 111 2.91 17.09 31.25
CA ASN A 111 3.95 17.97 31.75
C ASN A 111 4.84 18.37 30.56
N PRO A 112 4.96 19.68 30.27
CA PRO A 112 5.63 20.07 29.04
C PRO A 112 7.10 19.70 28.93
N ALA A 113 7.83 19.66 30.04
CA ALA A 113 9.25 19.34 29.96
C ALA A 113 9.41 17.83 29.74
N VAL A 114 8.67 16.98 30.49
CA VAL A 114 8.69 15.55 30.19
C VAL A 114 8.27 15.27 28.73
N THR A 115 7.23 15.96 28.26
CA THR A 115 6.74 15.76 26.89
C THR A 115 7.76 16.16 25.83
N ALA A 116 8.49 17.25 26.07
CA ALA A 116 9.53 17.67 25.13
C ALA A 116 10.62 16.59 25.02
N LYS A 117 10.90 15.97 26.13
CA LYS A 117 11.91 14.90 26.19
C LYS A 117 11.41 13.62 25.51
N MSE A 118 10.19 13.20 25.83
CA MSE A 118 9.60 12.05 25.17
C MSE A 118 9.60 12.26 23.66
O MSE A 118 9.97 11.38 22.87
CB MSE A 118 8.16 11.88 25.62
CG MSE A 118 8.03 11.38 27.03
SE MSE A 118 6.22 10.68 27.49
CE MSE A 118 5.05 12.24 27.26
N ALA A 119 9.23 13.46 23.25
CA ALA A 119 9.17 13.81 21.85
C ALA A 119 10.53 13.72 21.20
N ALA A 120 11.56 14.28 21.83
CA ALA A 120 12.90 14.23 21.21
C ALA A 120 13.33 12.75 21.05
N ASN A 121 13.02 11.96 22.07
CA ASN A 121 13.41 10.54 22.08
C ASN A 121 12.83 9.75 20.92
N ILE A 122 11.54 9.92 20.68
CA ILE A 122 10.88 9.28 19.56
C ILE A 122 11.39 9.82 18.23
N ASP A 123 11.66 11.13 18.18
CA ASP A 123 12.20 11.68 16.94
C ASP A 123 13.56 11.08 16.66
N GLN A 124 14.36 10.91 17.71
CA GLN A 124 15.69 10.34 17.55
C GLN A 124 15.60 8.87 17.11
N LEU A 125 14.78 8.06 17.77
CA LEU A 125 14.72 6.65 17.41
C LEU A 125 14.04 6.40 16.06
N SER A 126 13.21 7.31 15.61
CA SER A 126 12.62 7.25 14.25
C SER A 126 13.40 8.00 13.18
N ASN A 127 14.51 8.60 13.55
CA ASN A 127 15.28 9.40 12.59
C ASN A 127 14.47 10.51 11.90
N GLY A 128 13.81 11.32 12.69
CA GLY A 128 13.16 12.52 12.19
C GLY A 128 11.70 12.42 11.75
N ARG A 129 10.98 11.38 12.15
CA ARG A 129 9.61 11.16 11.68
C ARG A 129 8.50 11.50 12.69
N PHE A 130 8.84 12.05 13.86
CA PHE A 130 7.84 12.28 14.88
C PHE A 130 7.31 13.70 14.85
N THR A 131 6.00 13.86 14.74
CA THR A 131 5.41 15.19 14.81
C THR A 131 4.23 15.21 15.77
N LEU A 132 3.78 16.41 16.09
CA LEU A 132 2.79 16.63 17.12
C LEU A 132 1.59 17.36 16.58
N ASN A 133 0.41 16.95 17.04
CA ASN A 133 -0.84 17.68 16.78
C ASN A 133 -1.32 18.24 18.12
N VAL A 134 -1.16 19.54 18.34
CA VAL A 134 -1.47 20.14 19.62
C VAL A 134 -2.99 20.42 19.73
N VAL A 135 -3.65 19.68 20.63
CA VAL A 135 -5.10 19.71 20.78
C VAL A 135 -5.44 20.45 22.05
N SER A 136 -6.29 21.47 21.91
CA SER A 136 -6.73 22.29 23.06
C SER A 136 -8.18 22.09 23.36
N ALA A 137 -8.82 21.16 22.66
CA ALA A 137 -10.16 20.73 23.02
C ALA A 137 -10.09 19.96 24.34
N TRP A 138 -11.26 19.82 24.94
CA TRP A 138 -11.41 19.32 26.30
C TRP A 138 -12.73 18.54 26.40
N TRP A 139 -12.62 17.34 26.92
CA TRP A 139 -13.76 16.49 27.21
C TRP A 139 -13.80 16.41 28.73
N GLU A 140 -14.74 17.14 29.31
CA GLU A 140 -14.86 17.25 30.77
C GLU A 140 -14.90 15.92 31.49
N GLU A 141 -15.72 15.00 31.00
CA GLU A 141 -15.82 13.70 31.61
C GLU A 141 -14.45 13.01 31.64
N GLU A 142 -13.69 13.13 30.54
CA GLU A 142 -12.38 12.48 30.51
C GLU A 142 -11.43 13.11 31.52
N ALA A 143 -11.44 14.44 31.61
CA ALA A 143 -10.65 15.19 32.61
C ALA A 143 -10.93 14.74 34.04
N LYS A 144 -12.19 14.47 34.35
CA LYS A 144 -12.55 14.08 35.71
C LYS A 144 -12.11 12.64 36.01
N GLN A 145 -12.15 11.79 34.99
CA GLN A 145 -11.68 10.42 35.16
C GLN A 145 -10.16 10.33 35.19
N TYR A 146 -9.46 11.15 34.42
CA TYR A 146 -8.01 11.03 34.28
C TYR A 146 -7.17 12.18 34.84
N GLY A 147 -7.78 13.07 35.63
CA GLY A 147 -7.01 14.08 36.37
C GLY A 147 -6.45 15.15 35.45
N GLY A 148 -7.19 15.49 34.41
CA GLY A 148 -6.84 16.66 33.61
C GLY A 148 -6.93 17.93 34.44
N VAL A 149 -6.00 18.86 34.25
CA VAL A 149 -6.07 20.14 34.92
C VAL A 149 -6.99 21.03 34.10
N PHE A 150 -8.13 21.38 34.67
CA PHE A 150 -9.07 22.26 33.99
C PHE A 150 -8.55 23.70 33.93
N THR A 151 -8.80 24.34 32.80
CA THR A 151 -8.57 25.77 32.66
C THR A 151 -9.86 26.37 32.10
N ALA A 152 -10.24 27.56 32.57
CA ALA A 152 -11.40 28.29 32.03
C ALA A 152 -11.28 28.44 30.51
N HIS A 153 -12.39 28.28 29.79
CA HIS A 153 -12.40 28.31 28.33
C HIS A 153 -11.51 29.42 27.73
N ASP A 154 -11.56 30.61 28.32
CA ASP A 154 -10.72 31.73 27.87
C ASP A 154 -9.24 31.38 27.97
N GLU A 155 -8.84 30.96 29.17
CA GLU A 155 -7.43 30.73 29.50
C GLU A 155 -6.87 29.40 28.95
N ARG A 156 -7.68 28.60 28.27
CA ARG A 156 -7.23 27.28 27.82
C ARG A 156 -6.15 27.41 26.75
N TYR A 157 -6.38 28.32 25.81
CA TYR A 157 -5.43 28.62 24.75
C TYR A 157 -4.21 29.39 25.26
N ASP A 158 -4.34 30.05 26.41
CA ASP A 158 -3.18 30.64 27.06
C ASP A 158 -2.23 29.51 27.46
N ARG A 159 -2.77 28.45 28.07
CA ARG A 159 -1.95 27.33 28.52
C ARG A 159 -1.27 26.65 27.33
N THR A 160 -2.04 26.41 26.27
CA THR A 160 -1.46 25.87 25.07
C THR A 160 -0.29 26.73 24.60
N GLU A 161 -0.45 28.04 24.69
CA GLU A 161 0.59 28.94 24.23
C GLU A 161 1.88 28.70 25.00
N GLU A 162 1.76 28.61 26.31
CA GLU A 162 2.92 28.41 27.17
C GLU A 162 3.56 27.08 26.94
N PHE A 163 2.71 26.07 26.87
CA PHE A 163 3.14 24.71 26.70
C PHE A 163 4.00 24.61 25.44
N VAL A 164 3.51 25.18 24.36
CA VAL A 164 4.17 25.12 23.09
C VAL A 164 5.47 25.93 23.07
N THR A 165 5.47 27.05 23.81
CA THR A 165 6.65 27.87 23.93
C THR A 165 7.76 27.09 24.65
N ILE A 166 7.38 26.32 25.66
CA ILE A 166 8.30 25.49 26.39
C ILE A 166 8.87 24.38 25.48
N LEU A 167 8.03 23.70 24.72
CA LEU A 167 8.53 22.63 23.87
C LEU A 167 9.62 23.17 22.95
N LYS A 168 9.31 24.28 22.30
CA LYS A 168 10.18 24.81 21.28
C LYS A 168 11.50 25.25 21.89
N GLY A 169 11.42 25.82 23.08
CA GLY A 169 12.60 26.27 23.77
C GLY A 169 13.54 25.17 24.18
N LEU A 170 12.97 24.11 24.73
CA LEU A 170 13.74 22.95 25.14
C LEU A 170 14.39 22.25 23.95
N TRP A 171 13.74 22.29 22.80
CA TRP A 171 14.31 21.64 21.64
C TRP A 171 15.47 22.42 21.02
N LYS A 172 15.54 23.71 21.30
CA LYS A 172 16.46 24.63 20.64
C LYS A 172 17.67 25.01 21.52
N GLU A 173 17.39 25.33 22.79
CA GLU A 173 18.39 25.94 23.64
C GLU A 173 19.16 24.90 24.47
N GLU A 174 20.45 25.11 24.61
CA GLU A 174 21.30 24.38 25.55
C GLU A 174 20.76 24.46 26.98
N GLU A 175 20.22 25.60 27.36
CA GLU A 175 19.71 25.84 28.70
C GLU A 175 18.47 26.71 28.54
N PHE A 176 17.33 26.31 29.10
CA PHE A 176 16.09 27.04 28.91
C PHE A 176 15.42 27.34 30.24
N SER A 177 15.08 28.62 30.44
CA SER A 177 14.31 29.07 31.58
C SER A 177 13.01 29.62 31.06
N TYR A 178 11.98 29.57 31.89
CA TYR A 178 10.66 30.05 31.50
C TYR A 178 9.80 30.43 32.70
N LYS A 179 9.13 31.57 32.59
CA LYS A 179 8.25 32.08 33.64
C LYS A 179 6.96 32.52 33.00
N GLY A 180 5.89 31.80 33.27
CA GLY A 180 4.58 32.20 32.79
C GLY A 180 3.53 31.90 33.83
N ASN A 181 2.27 32.00 33.41
CA ASN A 181 1.13 31.87 34.32
C ASN A 181 0.87 30.44 34.73
N PHE A 182 1.28 29.46 33.92
CA PHE A 182 1.01 28.03 34.21
C PHE A 182 2.25 27.16 34.48
N TYR A 183 3.39 27.62 34.00
CA TYR A 183 4.61 26.84 34.12
C TYR A 183 5.74 27.76 34.45
N GLU A 184 6.76 27.15 35.03
CA GLU A 184 7.95 27.81 35.48
C GLU A 184 9.06 26.78 35.39
N LEU A 185 10.13 27.12 34.67
CA LEU A 185 11.28 26.22 34.59
C LEU A 185 12.57 27.04 34.66
N HIS A 186 13.58 26.46 35.30
CA HIS A 186 14.85 27.12 35.53
C HIS A 186 16.01 26.30 34.98
N HIS A 187 16.76 26.86 34.04
CA HIS A 187 18.02 26.28 33.56
C HIS A 187 17.87 24.80 33.17
N THR A 188 16.73 24.45 32.59
CA THR A 188 16.45 23.10 32.15
C THR A 188 17.32 22.74 30.97
N HIS A 189 17.96 21.58 31.06
CA HIS A 189 18.70 20.99 29.94
C HIS A 189 17.93 19.80 29.37
N LEU A 190 18.08 19.56 28.07
CA LEU A 190 17.45 18.43 27.42
C LEU A 190 18.41 17.94 26.36
N SER A 191 18.76 16.65 26.42
CA SER A 191 19.68 16.10 25.43
C SER A 191 19.41 14.62 25.22
N PRO A 192 19.42 14.16 23.98
CA PRO A 192 19.63 14.90 22.75
C PRO A 192 18.40 15.74 22.32
N LYS A 193 18.63 16.66 21.38
CA LYS A 193 17.57 17.42 20.75
C LYS A 193 16.96 16.56 19.68
N PRO A 194 15.82 17.00 19.11
CA PRO A 194 15.26 16.25 18.04
C PRO A 194 16.18 16.15 16.81
N VAL A 195 15.85 15.24 15.89
CA VAL A 195 16.53 15.18 14.61
C VAL A 195 16.09 16.37 13.73
N GLN A 196 14.80 16.70 13.73
CA GLN A 196 14.28 17.85 12.96
C GLN A 196 15.00 19.13 13.39
N LYS A 197 15.64 19.80 12.45
CA LYS A 197 16.59 20.86 12.80
C LYS A 197 15.91 22.06 13.45
N GLN A 198 14.66 22.34 13.08
CA GLN A 198 13.96 23.52 13.61
C GLN A 198 12.97 23.17 14.71
N GLY A 199 13.18 22.06 15.41
CA GLY A 199 12.21 21.55 16.35
C GLY A 199 11.26 20.58 15.66
N ILE A 200 10.50 19.86 16.46
CA ILE A 200 9.48 18.96 15.96
C ILE A 200 8.31 19.75 15.37
N LYS A 201 7.92 19.38 14.16
CA LYS A 201 6.81 20.05 13.49
C LYS A 201 5.51 19.99 14.32
N LEU A 202 4.93 21.16 14.57
CA LEU A 202 3.67 21.33 15.30
C LEU A 202 2.48 21.63 14.40
N TYR A 203 1.56 20.67 14.32
CA TYR A 203 0.28 20.87 13.67
C TYR A 203 -0.68 21.35 14.74
N ALA A 204 -1.70 22.08 14.36
CA ALA A 204 -2.70 22.49 15.31
C ALA A 204 -3.98 22.87 14.60
N GLY A 205 -5.08 22.63 15.31
CA GLY A 205 -6.40 23.02 14.86
C GLY A 205 -7.17 23.77 15.92
N GLY A 206 -8.33 24.27 15.54
CA GLY A 206 -9.18 25.04 16.43
C GLY A 206 -9.95 26.07 15.62
N GLU A 207 -11.22 26.26 15.95
CA GLU A 207 -12.11 27.13 15.19
C GLU A 207 -12.29 28.51 15.82
N SER A 208 -12.08 28.64 17.12
CA SER A 208 -12.33 29.90 17.82
C SER A 208 -11.31 30.95 17.39
N LYS A 209 -11.62 32.22 17.67
CA LYS A 209 -10.72 33.34 17.33
C LYS A 209 -9.40 33.17 18.09
N ARG A 210 -9.54 32.80 19.36
CA ARG A 210 -8.40 32.56 20.21
C ARG A 210 -7.62 31.33 19.73
N GLY A 211 -8.33 30.27 19.41
CA GLY A 211 -7.70 29.08 18.86
C GLY A 211 -6.90 29.33 17.59
N LYS A 212 -7.42 30.19 16.71
CA LYS A 212 -6.76 30.49 15.44
C LYS A 212 -5.52 31.36 15.66
N GLU A 213 -5.56 32.25 16.65
CA GLU A 213 -4.38 33.06 17.02
C GLU A 213 -3.22 32.18 17.42
N VAL A 214 -3.50 31.14 18.19
CA VAL A 214 -2.42 30.21 18.55
C VAL A 214 -1.82 29.47 17.33
N ILE A 215 -2.68 29.04 16.42
CA ILE A 215 -2.21 28.36 15.23
C ILE A 215 -1.31 29.34 14.45
N VAL A 216 -1.83 30.54 14.25
CA VAL A 216 -1.16 31.55 13.45
C VAL A 216 0.19 31.91 14.02
N ASN A 217 0.27 32.04 15.33
CA ASN A 217 1.45 32.58 15.97
C ASN A 217 2.48 31.55 16.37
N HIS A 218 2.04 30.31 16.60
CA HIS A 218 2.90 29.26 17.18
C HIS A 218 2.99 27.91 16.45
N ALA A 219 2.04 27.58 15.59
CA ALA A 219 2.03 26.30 14.90
C ALA A 219 2.87 26.36 13.63
N ASP A 220 3.38 25.20 13.19
CA ASP A 220 4.02 25.11 11.91
C ASP A 220 3.03 24.72 10.82
N ALA A 221 1.83 24.28 11.20
CA ALA A 221 0.85 23.74 10.23
C ALA A 221 -0.57 23.75 10.80
N TYR A 222 -1.55 23.75 9.93
CA TYR A 222 -2.93 23.94 10.31
C TYR A 222 -3.74 22.71 9.91
N VAL A 223 -4.48 22.17 10.85
CA VAL A 223 -5.39 21.08 10.51
C VAL A 223 -6.81 21.42 10.89
N MSE A 224 -7.74 20.90 10.11
CA MSE A 224 -9.15 21.18 10.29
C MSE A 224 -10.02 19.92 10.15
O MSE A 224 -9.63 18.91 9.51
CB MSE A 224 -9.59 22.30 9.33
CG MSE A 224 -9.34 22.13 7.85
SE MSE A 224 -9.04 23.90 6.86
CE MSE A 224 -7.21 23.46 6.29
N HIS A 225 -11.20 20.00 10.75
CA HIS A 225 -12.18 18.96 10.65
C HIS A 225 -12.86 19.11 9.30
N GLY A 226 -13.75 18.18 8.97
CA GLY A 226 -14.37 18.17 7.66
C GLY A 226 -15.14 19.44 7.35
N GLY A 227 -15.08 19.88 6.09
CA GLY A 227 -15.86 20.99 5.60
C GLY A 227 -16.07 20.78 4.12
N THR A 228 -16.93 21.59 3.52
CA THR A 228 -17.12 21.61 2.09
C THR A 228 -15.93 22.32 1.46
N VAL A 229 -15.78 22.14 0.15
CA VAL A 229 -14.68 22.75 -0.58
C VAL A 229 -14.74 24.27 -0.42
N GLU A 230 -15.94 24.85 -0.42
CA GLU A 230 -16.12 26.27 -0.24
CA GLU A 230 -16.09 26.29 -0.23
C GLU A 230 -15.69 26.72 1.17
N GLU A 231 -16.19 26.00 2.20
CA GLU A 231 -15.82 26.34 3.59
C GLU A 231 -14.33 26.23 3.82
N VAL A 232 -13.72 25.18 3.27
CA VAL A 232 -12.27 24.97 3.45
C VAL A 232 -11.48 26.09 2.74
N SER A 233 -11.92 26.47 1.56
CA SER A 233 -11.28 27.56 0.81
C SER A 233 -11.20 28.85 1.61
N VAL A 234 -12.32 29.24 2.21
CA VAL A 234 -12.40 30.43 3.06
C VAL A 234 -11.43 30.32 4.26
N LYS A 235 -11.43 29.18 4.93
CA LYS A 235 -10.57 29.04 6.12
C LYS A 235 -9.09 29.05 5.76
N ILE A 236 -8.73 28.41 4.65
CA ILE A 236 -7.33 28.39 4.24
C ILE A 236 -6.85 29.81 3.82
N GLU A 237 -7.68 30.51 3.04
CA GLU A 237 -7.36 31.87 2.59
C GLU A 237 -7.26 32.86 3.77
N ASP A 238 -8.23 32.82 4.66
CA ASP A 238 -8.18 33.62 5.89
C ASP A 238 -6.86 33.35 6.63
N MSE A 239 -6.55 32.07 6.80
CA MSE A 239 -5.43 31.68 7.62
C MSE A 239 -4.12 32.12 6.97
O MSE A 239 -3.23 32.60 7.65
CB MSE A 239 -5.45 30.17 7.86
CG MSE A 239 -4.39 29.68 8.81
SE MSE A 239 -4.55 30.40 10.64
CE MSE A 239 -6.36 29.82 11.09
N LYS A 240 -4.01 31.98 5.65
CA LYS A 240 -2.82 32.40 4.93
C LYS A 240 -2.60 33.90 5.07
N ASN A 241 -3.68 34.66 5.00
CA ASN A 241 -3.62 36.13 5.13
C ASN A 241 -3.15 36.56 6.52
N ARG A 242 -3.77 35.99 7.56
CA ARG A 242 -3.36 36.24 8.94
C ARG A 242 -1.89 35.95 9.14
N ARG A 243 -1.41 34.94 8.48
CA ARG A 243 -0.08 34.42 8.75
C ARG A 243 1.00 35.32 8.13
N LYS A 244 0.61 36.02 7.05
CA LYS A 244 1.48 37.02 6.42
C LYS A 244 1.73 38.18 7.34
N LYS A 245 0.75 38.50 8.19
CA LYS A 245 0.85 39.64 9.09
C LYS A 245 1.66 39.30 10.34
N VAL A 246 2.41 38.21 10.28
CA VAL A 246 3.05 37.65 11.45
C VAL A 246 4.42 37.09 11.07
N THR A 247 5.31 37.18 12.06
CA THR A 247 6.75 37.08 11.84
C THR A 247 7.30 35.67 11.57
N GLU A 248 6.43 34.69 11.40
CA GLU A 248 6.87 33.35 11.08
C GLU A 248 6.87 33.12 9.57
N GLU A 249 7.43 31.97 9.17
CA GLU A 249 7.39 31.53 7.79
C GLU A 249 5.99 30.98 7.46
N PRO A 250 5.72 30.70 6.18
CA PRO A 250 4.39 30.19 5.85
C PRO A 250 4.06 28.86 6.51
N LEU A 251 2.77 28.67 6.79
CA LEU A 251 2.27 27.40 7.28
C LEU A 251 2.70 26.29 6.34
N GLN A 252 3.22 25.20 6.88
CA GLN A 252 3.84 24.17 6.05
C GLN A 252 2.83 23.15 5.49
N SER A 253 1.67 23.00 6.13
CA SER A 253 0.65 22.09 5.64
C SER A 253 -0.72 22.63 5.99
N PHE A 254 -1.71 22.21 5.23
CA PHE A 254 -3.11 22.42 5.54
C PHE A 254 -3.79 21.04 5.45
N GLY A 255 -4.11 20.49 6.64
CA GLY A 255 -4.71 19.16 6.74
C GLY A 255 -6.22 19.19 6.87
N LEU A 256 -6.88 18.31 6.14
CA LEU A 256 -8.31 18.17 6.22
C LEU A 256 -8.68 16.75 6.62
N ALA A 257 -9.47 16.62 7.68
CA ALA A 257 -10.07 15.33 8.08
C ALA A 257 -11.15 14.90 7.09
N ALA A 258 -11.15 13.63 6.68
CA ALA A 258 -12.25 13.13 5.84
C ALA A 258 -12.45 11.65 6.02
N TYR A 259 -13.71 11.22 5.87
CA TYR A 259 -14.09 9.80 5.89
C TYR A 259 -14.43 9.38 4.45
N VAL A 260 -13.85 8.31 3.94
CA VAL A 260 -13.98 7.94 2.53
C VAL A 260 -14.83 6.71 2.31
N ILE A 261 -15.88 6.86 1.49
CA ILE A 261 -16.69 5.75 0.99
C ILE A 261 -16.54 5.66 -0.53
N CYS A 262 -15.67 4.76 -0.97
CA CYS A 262 -15.44 4.50 -2.35
C CYS A 262 -16.05 3.16 -2.77
N ARG A 263 -16.96 3.21 -3.75
CA ARG A 263 -17.57 2.00 -4.32
C ARG A 263 -17.63 2.06 -5.86
N HIS A 264 -17.79 0.90 -6.51
CA HIS A 264 -17.90 0.84 -7.96
C HIS A 264 -18.99 1.76 -8.53
N THR A 265 -20.16 1.80 -7.91
CA THR A 265 -21.23 2.73 -8.29
C THR A 265 -21.58 3.70 -7.17
N GLU A 266 -22.15 4.82 -7.56
CA GLU A 266 -22.58 5.83 -6.63
C GLU A 266 -23.61 5.24 -5.69
N GLU A 267 -24.49 4.40 -6.23
CA GLU A 267 -25.59 3.88 -5.47
C GLU A 267 -25.09 3.00 -4.35
N GLU A 268 -24.07 2.20 -4.58
CA GLU A 268 -23.45 1.42 -3.51
C GLU A 268 -22.82 2.31 -2.43
N ALA A 269 -22.14 3.38 -2.85
CA ALA A 269 -21.63 4.37 -1.90
C ALA A 269 -22.75 4.86 -1.00
N LEU A 270 -23.86 5.25 -1.59
CA LEU A 270 -24.93 5.86 -0.80
C LEU A 270 -25.53 4.85 0.15
N GLU A 271 -25.57 3.59 -0.24
CA GLU A 271 -26.12 2.55 0.63
C GLU A 271 -25.19 2.33 1.84
N GLU A 272 -23.86 2.48 1.65
CA GLU A 272 -22.93 2.39 2.76
C GLU A 272 -23.14 3.59 3.67
N TRP A 273 -23.35 4.78 3.10
CA TRP A 273 -23.66 5.99 3.88
C TRP A 273 -24.94 5.83 4.76
N ARG A 274 -25.97 5.21 4.16
CA ARG A 274 -27.18 4.91 4.90
C ARG A 274 -26.86 3.96 6.07
N ARG A 275 -26.10 2.91 5.80
CA ARG A 275 -25.76 1.91 6.81
C ARG A 275 -25.07 2.54 8.01
N ILE A 276 -24.05 3.38 7.77
CA ILE A 276 -23.25 3.89 8.88
C ILE A 276 -23.95 5.03 9.64
N THR A 277 -25.05 5.52 9.08
CA THR A 277 -25.84 6.54 9.79
C THR A 277 -27.16 5.97 10.37
N ASP A 278 -27.41 4.66 10.28
CA ASP A 278 -28.51 4.03 11.03
C ASP A 278 -28.23 4.03 12.55
N VAL A 279 -29.01 4.76 13.32
CA VAL A 279 -28.77 4.81 14.75
C VAL A 279 -28.96 3.43 15.41
N LYS A 280 -27.93 3.01 16.14
CA LYS A 280 -27.83 1.63 16.65
C LYS A 280 -28.19 1.52 18.14
N PHE A 292 -34.76 3.78 2.47
CA PHE A 292 -34.43 4.74 1.43
C PHE A 292 -34.63 6.20 1.87
N VAL A 293 -33.54 6.80 2.35
CA VAL A 293 -33.34 8.24 2.44
C VAL A 293 -32.47 8.60 1.21
N SER A 294 -32.70 9.75 0.60
CA SER A 294 -32.11 10.05 -0.71
C SER A 294 -30.75 10.71 -0.56
N LYS A 295 -30.05 10.81 -1.69
CA LYS A 295 -28.77 11.50 -1.77
C LYS A 295 -28.81 12.87 -1.13
N SER A 296 -29.80 13.63 -1.55
CA SER A 296 -29.99 14.99 -1.08
C SER A 296 -30.23 15.02 0.42
N GLN A 297 -31.03 14.09 0.91
CA GLN A 297 -31.30 14.00 2.35
C GLN A 297 -30.03 13.57 3.15
N LEU A 298 -29.30 12.59 2.63
CA LEU A 298 -28.00 12.23 3.19
C LEU A 298 -27.07 13.46 3.29
N GLU A 299 -27.01 14.26 2.24
CA GLU A 299 -26.16 15.46 2.23
C GLU A 299 -26.64 16.53 3.20
N GLN A 300 -27.94 16.63 3.43
CA GLN A 300 -28.46 17.61 4.39
C GLN A 300 -28.56 17.16 5.86
N GLN A 301 -28.37 15.88 6.17
CA GLN A 301 -28.53 15.36 7.56
C GLN A 301 -27.25 15.59 8.43
N VAL A 302 -26.96 16.85 8.66
CA VAL A 302 -25.68 17.27 9.23
C VAL A 302 -25.47 16.77 10.65
N LYS A 303 -26.51 16.88 11.47
CA LYS A 303 -26.42 16.45 12.85
C LYS A 303 -26.12 14.94 12.94
N LEU A 304 -26.85 14.14 12.20
CA LEU A 304 -26.65 12.70 12.21
C LEU A 304 -25.28 12.30 11.58
N ASN A 305 -24.88 13.00 10.53
CA ASN A 305 -23.59 12.75 9.91
C ASN A 305 -22.47 12.99 10.91
N ASP A 306 -22.54 14.11 11.60
CA ASP A 306 -21.56 14.47 12.60
C ASP A 306 -21.50 13.48 13.77
N TYR A 307 -22.65 13.01 14.23
CA TYR A 307 -22.69 11.98 15.26
C TYR A 307 -22.08 10.68 14.73
N SER A 308 -22.40 10.30 13.50
CA SER A 308 -22.08 8.96 13.04
C SER A 308 -20.61 8.73 12.77
N VAL A 309 -19.90 9.81 12.46
CA VAL A 309 -18.53 9.79 12.02
C VAL A 309 -17.81 11.01 12.62
N SER A 310 -16.69 10.78 13.33
CA SER A 310 -16.04 11.88 14.06
C SER A 310 -15.36 12.88 13.11
N ASN A 311 -14.96 14.05 13.65
CA ASN A 311 -14.25 15.13 12.87
C ASN A 311 -14.97 15.59 11.63
N ARG A 312 -16.30 15.54 11.67
CA ARG A 312 -17.15 15.88 10.56
C ARG A 312 -16.64 15.22 9.29
N GLY A 313 -16.18 13.99 9.43
CA GLY A 313 -15.63 13.26 8.33
C GLY A 313 -16.47 13.17 7.07
N LEU A 314 -17.80 13.15 7.19
CA LEU A 314 -18.63 12.97 6.01
C LEU A 314 -18.80 14.27 5.20
N ARG A 315 -18.52 15.41 5.83
CA ARG A 315 -18.86 16.69 5.22
C ARG A 315 -18.09 17.02 3.94
N PRO A 316 -16.83 16.59 3.81
CA PRO A 316 -16.09 16.75 2.57
C PRO A 316 -16.67 15.95 1.40
N ASN A 317 -17.58 15.02 1.68
CA ASN A 317 -18.29 14.33 0.62
C ASN A 317 -17.40 13.47 -0.26
N LEU A 318 -16.39 12.84 0.33
CA LEU A 318 -15.58 11.83 -0.39
C LEU A 318 -16.30 10.49 -0.40
N ILE A 319 -17.48 10.52 -1.03
CA ILE A 319 -18.44 9.41 -0.99
C ILE A 319 -18.93 9.23 -2.42
N GLY A 320 -18.64 8.08 -3.01
CA GLY A 320 -18.96 7.87 -4.41
C GLY A 320 -18.04 6.91 -5.10
N THR A 321 -17.94 7.09 -6.43
CA THR A 321 -17.08 6.26 -7.26
C THR A 321 -15.67 6.83 -7.14
N PRO A 322 -14.66 6.06 -7.57
CA PRO A 322 -13.27 6.57 -7.60
C PRO A 322 -13.13 7.84 -8.40
N GLU A 323 -13.79 7.88 -9.54
CA GLU A 323 -13.81 9.07 -10.38
C GLU A 323 -14.28 10.31 -9.59
N GLN A 324 -15.43 10.20 -8.94
CA GLN A 324 -15.99 11.33 -8.17
C GLN A 324 -15.10 11.73 -7.01
N ILE A 325 -14.56 10.74 -6.29
CA ILE A 325 -13.71 11.04 -5.16
C ILE A 325 -12.43 11.69 -5.66
N ALA A 326 -11.91 11.22 -6.79
CA ALA A 326 -10.67 11.81 -7.32
C ALA A 326 -10.87 13.25 -7.70
N GLU A 327 -11.97 13.56 -8.38
CA GLU A 327 -12.27 14.92 -8.77
C GLU A 327 -12.39 15.81 -7.54
N ARG A 328 -13.02 15.26 -6.51
CA ARG A 328 -13.31 16.05 -5.33
C ARG A 328 -12.06 16.30 -4.54
N ILE A 329 -11.17 15.31 -4.47
CA ILE A 329 -9.88 15.51 -3.82
C ILE A 329 -9.13 16.62 -4.51
N LEU A 330 -9.19 16.62 -5.84
CA LEU A 330 -8.47 17.59 -6.64
C LEU A 330 -8.98 18.99 -6.45
N ALA A 331 -10.29 19.14 -6.28
CA ALA A 331 -10.88 20.44 -5.98
C ALA A 331 -10.37 20.92 -4.58
N PHE A 332 -10.23 20.03 -3.61
CA PHE A 332 -9.70 20.46 -2.32
C PHE A 332 -8.22 20.88 -2.45
N GLU A 333 -7.47 20.14 -3.24
CA GLU A 333 -6.07 20.48 -3.45
C GLU A 333 -5.92 21.89 -4.07
N LYS A 334 -6.82 22.25 -5.02
CA LYS A 334 -6.77 23.57 -5.63
C LYS A 334 -7.08 24.71 -4.68
N VAL A 335 -7.89 24.49 -3.65
CA VAL A 335 -8.14 25.58 -2.70
C VAL A 335 -7.13 25.58 -1.54
N GLY A 336 -6.14 24.69 -1.59
CA GLY A 336 -4.98 24.80 -0.72
C GLY A 336 -4.75 23.65 0.24
N VAL A 337 -5.55 22.58 0.15
CA VAL A 337 -5.37 21.43 1.04
C VAL A 337 -4.09 20.71 0.63
N THR A 338 -3.19 20.42 1.58
CA THR A 338 -1.95 19.75 1.22
C THR A 338 -1.82 18.37 1.81
N LEU A 339 -2.75 17.99 2.66
CA LEU A 339 -2.66 16.73 3.40
C LEU A 339 -4.07 16.30 3.73
N LEU A 340 -4.43 15.07 3.40
CA LEU A 340 -5.73 14.52 3.80
C LEU A 340 -5.49 13.58 4.98
N LEU A 341 -6.36 13.66 5.98
CA LEU A 341 -6.32 12.81 7.15
C LEU A 341 -7.55 11.91 7.11
N LEU A 342 -7.37 10.75 6.51
CA LEU A 342 -8.49 9.91 6.12
C LEU A 342 -8.85 8.81 7.09
N GLN A 343 -10.14 8.57 7.22
CA GLN A 343 -10.67 7.40 7.88
C GLN A 343 -11.42 6.57 6.91
N PHE A 344 -11.43 5.26 7.18
CA PHE A 344 -12.09 4.27 6.35
C PHE A 344 -12.48 3.16 7.32
N SER A 345 -13.44 2.35 6.92
CA SER A 345 -13.81 1.17 7.66
C SER A 345 -14.42 0.14 6.71
N PRO A 346 -13.95 -1.11 6.75
CA PRO A 346 -12.84 -1.58 7.58
C PRO A 346 -11.53 -1.01 7.05
N GLN A 347 -10.69 -0.51 7.95
CA GLN A 347 -9.61 0.36 7.54
C GLN A 347 -8.56 -0.22 6.57
N LEU A 348 -7.93 -1.32 6.94
CA LEU A 348 -6.85 -1.89 6.12
C LEU A 348 -7.32 -2.20 4.69
N GLU A 349 -8.45 -2.89 4.55
CA GLU A 349 -8.99 -3.22 3.23
C GLU A 349 -9.38 -1.99 2.43
N GLU A 350 -10.03 -1.02 3.07
CA GLU A 350 -10.48 0.15 2.35
C GLU A 350 -9.33 1.08 1.96
N MSE A 351 -8.23 1.05 2.70
CA MSE A 351 -7.05 1.80 2.29
C MSE A 351 -6.42 1.22 1.04
O MSE A 351 -5.91 1.96 0.21
CB MSE A 351 -6.02 1.81 3.41
CG MSE A 351 -6.40 2.79 4.46
SE MSE A 351 -5.11 2.82 5.95
CE MSE A 351 -3.74 3.93 5.08
N LYS A 352 -6.45 -0.11 0.92
CA LYS A 352 -5.91 -0.78 -0.23
C LYS A 352 -6.75 -0.41 -1.46
N ARG A 353 -8.07 -0.44 -1.32
CA ARG A 353 -8.97 -0.01 -2.38
C ARG A 353 -8.65 1.43 -2.84
N PHE A 354 -8.43 2.31 -1.88
CA PHE A 354 -8.18 3.72 -2.16
C PHE A 354 -6.88 3.89 -2.89
N SER A 355 -5.87 3.16 -2.48
CA SER A 355 -4.59 3.24 -3.19
C SER A 355 -4.68 2.74 -4.65
N GLU A 356 -5.47 1.68 -4.87
CA GLU A 356 -5.52 1.06 -6.19
C GLU A 356 -6.45 1.82 -7.15
N LYS A 357 -7.56 2.34 -6.64
CA LYS A 357 -8.61 2.92 -7.47
C LYS A 357 -8.58 4.44 -7.45
N VAL A 358 -8.27 5.06 -6.32
CA VAL A 358 -8.42 6.52 -6.29
C VAL A 358 -7.14 7.22 -6.63
N MSE A 359 -6.05 6.77 -6.04
CA MSE A 359 -4.79 7.48 -6.20
C MSE A 359 -4.33 7.64 -7.67
O MSE A 359 -3.92 8.73 -8.06
CB MSE A 359 -3.69 6.84 -5.37
CG MSE A 359 -3.78 7.13 -3.88
SE MSE A 359 -2.20 6.30 -2.95
CE MSE A 359 -2.87 6.46 -1.07
N PRO A 360 -4.38 6.59 -8.48
CA PRO A 360 -3.97 6.74 -9.91
C PRO A 360 -4.83 7.75 -10.66
N LEU A 361 -6.13 7.79 -10.37
CA LEU A 361 -7.04 8.79 -10.94
C LEU A 361 -6.72 10.21 -10.48
N VAL A 362 -6.35 10.40 -9.23
CA VAL A 362 -5.97 11.74 -8.81
C VAL A 362 -4.74 12.17 -9.62
N GLU A 363 -3.73 11.29 -9.72
CA GLU A 363 -2.53 11.65 -10.52
C GLU A 363 -2.88 12.01 -11.94
N ALA A 364 -3.72 11.19 -12.59
CA ALA A 364 -4.04 11.36 -14.03
C ALA A 364 -4.79 12.66 -14.18
N LYS A 365 -5.77 12.90 -13.31
CA LYS A 365 -6.56 14.13 -13.47
C LYS A 365 -5.74 15.37 -13.26
N ARG A 366 -4.79 15.34 -12.34
CA ARG A 366 -3.96 16.51 -12.15
C ARG A 366 -3.13 16.78 -13.38
N LYS A 367 -2.73 15.75 -14.12
CA LYS A 367 -1.92 15.97 -15.33
C LYS A 367 -2.73 16.35 -16.60
N GLU A 368 -4.05 16.21 -16.53
CA GLU A 368 -4.91 16.57 -17.65
C GLU A 368 -4.89 18.05 -17.96
N LEU A 369 -5.03 18.30 -19.25
CA LEU A 369 -5.06 19.64 -19.84
C LEU A 369 -6.35 19.70 -20.70
N PHE B 19 -11.92 -7.10 -1.20
CA PHE B 19 -10.58 -6.44 -0.97
C PHE B 19 -9.68 -6.98 0.18
N GLN B 20 -10.06 -8.10 0.80
CA GLN B 20 -9.23 -8.67 1.87
C GLN B 20 -8.62 -10.03 1.51
N GLY B 21 -7.53 -10.39 2.18
CA GLY B 21 -6.83 -11.58 1.79
C GLY B 21 -6.40 -11.49 0.31
N VAL B 22 -6.61 -12.55 -0.43
CA VAL B 22 -5.74 -12.79 -1.58
C VAL B 22 -6.05 -11.90 -2.82
N GLU B 23 -5.04 -11.24 -3.36
CA GLU B 23 -5.16 -10.56 -4.63
C GLU B 23 -5.05 -11.55 -5.77
N TYR B 24 -5.83 -11.32 -6.83
CA TYR B 24 -5.75 -12.14 -8.02
C TYR B 24 -4.91 -11.45 -9.10
N GLY B 25 -3.78 -12.04 -9.45
CA GLY B 25 -2.96 -11.59 -10.55
C GLY B 25 -3.01 -12.58 -11.71
N PHE B 26 -2.52 -12.17 -12.87
CA PHE B 26 -2.44 -13.06 -14.01
C PHE B 26 -1.23 -12.74 -14.84
N TRP B 27 -0.71 -13.75 -15.50
CA TRP B 27 0.37 -13.53 -16.41
C TRP B 27 -0.19 -12.99 -17.72
N LEU B 28 0.40 -11.89 -18.18
CA LEU B 28 0.04 -11.33 -19.45
C LEU B 28 0.38 -12.35 -20.56
N PRO B 29 -0.60 -12.65 -21.42
CA PRO B 29 -0.31 -13.67 -22.44
C PRO B 29 0.54 -13.11 -23.56
N ILE B 30 1.83 -13.39 -23.50
CA ILE B 30 2.80 -12.85 -24.42
C ILE B 30 3.48 -13.92 -25.30
N PHE B 31 3.18 -15.21 -25.15
CA PHE B 31 3.88 -16.24 -25.89
C PHE B 31 3.00 -17.03 -26.83
N GLY B 32 1.75 -16.60 -27.03
CA GLY B 32 0.82 -17.31 -27.88
C GLY B 32 0.18 -18.53 -27.25
N GLY B 33 0.11 -18.57 -25.92
CA GLY B 33 -0.27 -19.77 -25.19
C GLY B 33 0.60 -20.01 -23.97
N TRP B 34 0.16 -20.94 -23.13
CA TRP B 34 0.89 -21.38 -21.96
C TRP B 34 1.28 -22.87 -21.94
N LEU B 35 0.89 -23.62 -22.98
CA LEU B 35 1.00 -25.07 -22.99
C LEU B 35 2.06 -25.56 -23.99
N ARG B 36 3.12 -26.21 -23.52
CA ARG B 36 4.14 -26.78 -24.42
C ARG B 36 3.69 -28.01 -25.22
N ASN B 37 2.69 -28.75 -24.74
CA ASN B 37 2.23 -29.96 -25.46
C ASN B 37 1.11 -29.76 -26.49
N VAL B 38 0.50 -28.59 -26.53
CA VAL B 38 -0.70 -28.33 -27.32
C VAL B 38 -0.40 -27.12 -28.19
N ASN B 39 -0.98 -27.03 -29.39
CA ASN B 39 -0.56 -26.02 -30.37
C ASN B 39 -1.47 -24.80 -30.48
N ASP B 40 -2.76 -25.00 -30.77
CA ASP B 40 -3.66 -23.83 -30.80
C ASP B 40 -4.55 -23.72 -29.56
N GLU B 41 -4.24 -22.69 -28.79
CA GLU B 41 -4.97 -22.35 -27.62
C GLU B 41 -5.90 -21.14 -27.84
N SER B 42 -6.06 -20.69 -29.08
CA SER B 42 -6.83 -19.48 -29.39
C SER B 42 -6.31 -18.24 -28.66
N MSE B 43 -4.98 -18.12 -28.64
CA MSE B 43 -4.33 -17.03 -27.92
C MSE B 43 -3.29 -16.41 -28.83
O MSE B 43 -2.11 -16.76 -28.75
CB MSE B 43 -3.67 -17.58 -26.66
CG MSE B 43 -4.68 -17.90 -25.57
SE MSE B 43 -3.83 -18.75 -24.01
CE MSE B 43 -2.60 -17.27 -23.54
N PRO B 44 -3.70 -15.53 -29.75
CA PRO B 44 -2.68 -14.97 -30.64
C PRO B 44 -1.55 -14.27 -29.86
N PRO B 45 -0.32 -14.44 -30.33
CA PRO B 45 0.84 -13.83 -29.71
C PRO B 45 1.00 -12.34 -30.07
N THR B 46 -0.02 -11.53 -29.81
CA THR B 46 -0.02 -10.17 -30.27
C THR B 46 -0.32 -9.22 -29.12
N PHE B 47 0.11 -7.97 -29.27
CA PHE B 47 -0.20 -6.96 -28.29
C PHE B 47 -1.69 -6.79 -28.19
N GLU B 48 -2.39 -6.85 -29.31
CA GLU B 48 -3.85 -6.74 -29.33
C GLU B 48 -4.54 -7.73 -28.37
N TYR B 49 -4.14 -9.00 -28.38
CA TYR B 49 -4.78 -9.98 -27.51
C TYR B 49 -4.33 -9.75 -26.07
N ALA B 50 -3.07 -9.40 -25.88
CA ALA B 50 -2.64 -9.03 -24.53
C ALA B 50 -3.47 -7.87 -24.02
N LYS B 51 -3.66 -6.85 -24.85
CA LYS B 51 -4.42 -5.66 -24.43
C LYS B 51 -5.88 -6.04 -24.08
N GLN B 52 -6.51 -6.78 -24.98
CA GLN B 52 -7.86 -7.27 -24.76
C GLN B 52 -7.95 -8.06 -23.42
N THR B 53 -7.02 -8.96 -23.14
CA THR B 53 -7.02 -9.65 -21.86
C THR B 53 -6.89 -8.71 -20.66
N ALA B 54 -5.98 -7.75 -20.72
CA ALA B 54 -5.73 -6.88 -19.57
C ALA B 54 -6.88 -5.92 -19.31
N GLN B 55 -7.48 -5.40 -20.38
CA GLN B 55 -8.61 -4.47 -20.23
C GLN B 55 -9.82 -5.17 -19.64
N ALA B 56 -10.06 -6.42 -20.03
CA ALA B 56 -11.17 -7.22 -19.46
C ALA B 56 -10.85 -7.58 -18.00
N ALA B 57 -9.58 -7.89 -17.72
CA ALA B 57 -9.20 -8.29 -16.36
C ALA B 57 -9.57 -7.24 -15.34
N GLU B 58 -9.34 -5.98 -15.73
CA GLU B 58 -9.63 -4.84 -14.89
C GLU B 58 -11.12 -4.72 -14.55
N GLN B 59 -11.97 -5.37 -15.32
CA GLN B 59 -13.39 -5.41 -15.03
C GLN B 59 -13.80 -6.71 -14.32
N LEU B 60 -12.87 -7.62 -14.07
CA LEU B 60 -13.22 -8.95 -13.60
C LEU B 60 -12.69 -9.24 -12.21
N GLY B 61 -12.12 -8.23 -11.56
CA GLY B 61 -11.60 -8.41 -10.21
C GLY B 61 -10.13 -8.78 -10.09
N PHE B 62 -9.40 -8.79 -11.21
CA PHE B 62 -7.94 -8.97 -11.16
C PHE B 62 -7.27 -7.67 -10.93
N SER B 63 -6.20 -7.65 -10.15
CA SER B 63 -5.60 -6.40 -9.76
C SER B 63 -4.17 -6.23 -10.29
N THR B 64 -3.57 -7.31 -10.83
CA THR B 64 -2.15 -7.32 -11.17
C THR B 64 -1.92 -8.19 -12.37
N THR B 65 -1.03 -7.73 -13.24
CA THR B 65 -0.50 -8.57 -14.28
C THR B 65 1.02 -8.67 -14.18
N LEU B 66 1.55 -9.85 -14.48
CA LEU B 66 2.99 -10.02 -14.52
C LEU B 66 3.40 -10.25 -15.95
N ILE B 67 4.32 -9.41 -16.44
CA ILE B 67 4.86 -9.53 -17.80
C ILE B 67 6.25 -10.18 -17.73
N ALA B 68 6.35 -11.45 -18.13
CA ALA B 68 7.66 -12.16 -18.13
C ALA B 68 8.63 -11.45 -19.09
N GLU B 69 9.94 -11.51 -18.79
CA GLU B 69 10.92 -10.97 -19.71
C GLU B 69 11.73 -12.14 -20.24
N LEU B 70 11.59 -12.40 -21.53
CA LEU B 70 12.41 -13.36 -22.25
C LEU B 70 12.50 -12.87 -23.67
N ASN B 71 13.67 -13.04 -24.28
CA ASN B 71 13.89 -12.61 -25.64
C ASN B 71 13.56 -13.73 -26.59
N LEU B 72 13.34 -14.93 -26.05
CA LEU B 72 12.95 -16.12 -26.84
C LEU B 72 11.76 -16.83 -26.18
N ASN B 73 10.88 -17.39 -26.98
CA ASN B 73 9.65 -17.99 -26.48
C ASN B 73 9.91 -19.37 -25.88
N ASP B 74 9.89 -19.49 -24.56
CA ASP B 74 10.15 -20.77 -23.95
C ASP B 74 8.89 -21.63 -23.74
N ILE B 75 7.79 -21.28 -24.40
CA ILE B 75 6.63 -22.15 -24.41
C ILE B 75 6.46 -22.82 -25.77
N LYS B 76 6.53 -22.04 -26.86
CA LYS B 76 6.19 -22.55 -28.19
C LYS B 76 7.37 -22.75 -29.13
N GLY B 77 8.59 -22.53 -28.65
CA GLY B 77 9.79 -22.63 -29.49
C GLY B 77 10.46 -21.29 -29.72
N VAL B 78 11.77 -21.34 -29.89
CA VAL B 78 12.60 -20.15 -30.04
C VAL B 78 12.29 -19.32 -31.27
N SER B 79 11.75 -19.90 -32.31
CA SER B 79 11.35 -19.09 -33.43
C SER B 79 9.85 -18.77 -33.48
N ALA B 80 9.09 -19.18 -32.46
CA ALA B 80 7.71 -18.75 -32.34
C ALA B 80 7.66 -17.28 -31.82
N PRO B 81 6.64 -16.52 -32.25
CA PRO B 81 6.54 -15.12 -31.83
C PRO B 81 6.32 -14.92 -30.35
N SER B 82 6.94 -13.88 -29.81
CA SER B 82 6.75 -13.48 -28.41
C SER B 82 6.92 -11.99 -28.26
N LEU B 83 6.18 -11.41 -27.33
CA LEU B 83 6.23 -9.97 -27.05
C LEU B 83 7.38 -9.63 -26.15
N GLU B 84 8.02 -8.50 -26.38
CA GLU B 84 9.12 -8.03 -25.54
C GLU B 84 8.53 -7.28 -24.31
N ALA B 85 9.11 -7.47 -23.13
CA ALA B 85 8.48 -7.12 -21.86
C ALA B 85 8.34 -5.61 -21.59
N TRP B 86 9.42 -4.87 -21.83
CA TRP B 86 9.46 -3.47 -21.43
C TRP B 86 8.63 -2.59 -22.33
N THR B 87 8.68 -2.79 -23.65
CA THR B 87 7.86 -2.00 -24.55
C THR B 87 6.39 -2.37 -24.42
N THR B 88 6.09 -3.64 -24.20
CA THR B 88 4.72 -4.11 -23.94
C THR B 88 4.19 -3.48 -22.64
N ALA B 89 5.00 -3.48 -21.59
CA ALA B 89 4.63 -2.87 -20.30
C ALA B 89 4.29 -1.41 -20.49
N ALA B 90 5.11 -0.67 -21.25
CA ALA B 90 4.87 0.76 -21.46
C ALA B 90 3.58 0.99 -22.26
N ALA B 91 3.37 0.14 -23.27
CA ALA B 91 2.19 0.25 -24.12
C ALA B 91 0.95 -0.10 -23.34
N LEU B 92 1.01 -1.16 -22.54
CA LEU B 92 -0.14 -1.60 -21.77
C LEU B 92 -0.49 -0.56 -20.72
N ALA B 93 0.52 0.03 -20.10
CA ALA B 93 0.29 1.07 -19.14
C ALA B 93 -0.54 2.24 -19.72
N ALA B 94 -0.22 2.59 -20.96
CA ALA B 94 -0.87 3.71 -21.60
C ALA B 94 -2.38 3.49 -21.89
N VAL B 95 -2.81 2.23 -21.97
CA VAL B 95 -4.19 1.88 -22.35
C VAL B 95 -4.94 1.15 -21.23
N THR B 96 -4.41 1.17 -19.99
CA THR B 96 -5.12 0.62 -18.81
C THR B 96 -5.24 1.74 -17.79
N ASP B 97 -6.01 1.53 -16.71
CA ASP B 97 -6.27 2.55 -15.64
C ASP B 97 -5.98 2.15 -14.18
N ARG B 98 -6.11 0.88 -13.86
CA ARG B 98 -5.98 0.44 -12.47
C ARG B 98 -5.09 -0.77 -12.22
N LEU B 99 -4.90 -1.59 -13.21
CA LEU B 99 -4.05 -2.78 -13.12
C LEU B 99 -2.64 -2.43 -12.69
N GLU B 100 -2.16 -3.12 -11.66
CA GLU B 100 -0.74 -3.07 -11.37
C GLU B 100 0.01 -3.80 -12.51
N ILE B 101 1.07 -3.18 -13.02
CA ILE B 101 1.79 -3.77 -14.13
C ILE B 101 3.17 -4.19 -13.66
N MSE B 102 3.29 -5.47 -13.33
CA MSE B 102 4.51 -6.02 -12.78
C MSE B 102 5.34 -6.57 -13.91
O MSE B 102 4.90 -7.45 -14.65
CB MSE B 102 4.19 -7.13 -11.80
CG MSE B 102 5.35 -7.58 -10.96
SE MSE B 102 5.00 -9.33 -10.04
CE MSE B 102 3.17 -8.96 -9.63
N THR B 103 6.54 -6.04 -14.05
CA THR B 103 7.37 -6.37 -15.18
C THR B 103 8.69 -6.99 -14.73
N ALA B 104 9.05 -8.12 -15.33
CA ALA B 104 10.25 -8.85 -14.97
C ALA B 104 11.47 -8.11 -15.52
N VAL B 105 12.61 -8.29 -14.86
CA VAL B 105 13.85 -7.65 -15.28
C VAL B 105 15.04 -8.54 -14.84
N ARG B 106 15.90 -8.90 -15.80
CA ARG B 106 17.12 -9.63 -15.51
C ARG B 106 18.30 -8.68 -15.54
N PRO B 107 19.02 -8.56 -14.43
CA PRO B 107 20.15 -7.64 -14.41
C PRO B 107 21.18 -7.84 -15.52
N GLY B 108 21.45 -9.08 -15.89
CA GLY B 108 22.42 -9.33 -16.96
C GLY B 108 22.03 -8.88 -18.36
N PHE B 109 20.78 -8.50 -18.55
CA PHE B 109 20.36 -8.02 -19.83
C PHE B 109 20.15 -6.52 -19.82
N HIS B 110 20.50 -5.83 -18.72
CA HIS B 110 20.09 -4.44 -18.52
C HIS B 110 21.19 -3.57 -17.95
N ASN B 111 21.16 -2.30 -18.33
CA ASN B 111 21.96 -1.26 -17.72
C ASN B 111 21.12 -0.66 -16.57
N PRO B 112 21.57 -0.78 -15.31
CA PRO B 112 20.72 -0.40 -14.17
C PRO B 112 20.27 1.07 -14.14
N ALA B 113 21.12 1.96 -14.59
CA ALA B 113 20.78 3.36 -14.64
C ALA B 113 19.69 3.62 -15.69
N VAL B 114 19.85 3.08 -16.90
CA VAL B 114 18.86 3.27 -17.96
C VAL B 114 17.57 2.58 -17.54
N THR B 115 17.71 1.47 -16.80
CA THR B 115 16.55 0.73 -16.38
C THR B 115 15.78 1.52 -15.33
N ALA B 116 16.51 2.17 -14.43
CA ALA B 116 15.88 2.98 -13.39
C ALA B 116 15.06 4.09 -14.08
N LYS B 117 15.62 4.62 -15.18
CA LYS B 117 15.00 5.72 -15.92
C LYS B 117 13.73 5.26 -16.68
N MSE B 118 13.81 4.13 -17.37
CA MSE B 118 12.65 3.51 -18.03
C MSE B 118 11.56 3.25 -17.03
O MSE B 118 10.40 3.54 -17.28
CB MSE B 118 13.06 2.19 -18.69
CG MSE B 118 13.96 2.37 -19.91
SE MSE B 118 14.00 0.76 -21.06
CE MSE B 118 14.95 -0.54 -19.91
N ALA B 119 11.96 2.72 -15.88
CA ALA B 119 11.02 2.32 -14.85
C ALA B 119 10.28 3.54 -14.33
N ALA B 120 11.02 4.62 -14.04
CA ALA B 120 10.42 5.84 -13.55
C ALA B 120 9.45 6.43 -14.59
N ASN B 121 9.84 6.37 -15.84
CA ASN B 121 9.01 6.87 -16.93
C ASN B 121 7.72 6.10 -17.07
N ILE B 122 7.77 4.77 -16.98
CA ILE B 122 6.52 3.99 -17.03
C ILE B 122 5.65 4.19 -15.78
N ASP B 123 6.29 4.35 -14.62
CA ASP B 123 5.52 4.57 -13.42
C ASP B 123 4.77 5.91 -13.53
N GLN B 124 5.45 6.95 -14.03
CA GLN B 124 4.79 8.23 -14.22
C GLN B 124 3.61 8.14 -15.20
N LEU B 125 3.82 7.61 -16.41
CA LEU B 125 2.71 7.53 -17.36
C LEU B 125 1.64 6.53 -16.94
N SER B 126 1.97 5.55 -16.07
CA SER B 126 0.95 4.65 -15.49
C SER B 126 0.27 5.26 -14.25
N ASN B 127 0.74 6.41 -13.82
CA ASN B 127 0.21 7.06 -12.67
C ASN B 127 0.40 6.25 -11.40
N GLY B 128 1.53 5.53 -11.33
CA GLY B 128 1.94 4.88 -10.10
C GLY B 128 1.67 3.39 -10.03
N ARG B 129 1.46 2.73 -11.18
CA ARG B 129 1.06 1.33 -11.16
C ARG B 129 2.16 0.37 -11.58
N PHE B 130 3.36 0.85 -11.87
CA PHE B 130 4.44 -0.02 -12.37
C PHE B 130 5.25 -0.62 -11.22
N THR B 131 5.49 -1.94 -11.29
CA THR B 131 6.35 -2.62 -10.35
C THR B 131 7.28 -3.57 -11.12
N LEU B 132 8.31 -4.10 -10.43
CA LEU B 132 9.29 -4.98 -11.03
C LEU B 132 9.38 -6.33 -10.36
N ASN B 133 9.64 -7.33 -11.19
CA ASN B 133 9.97 -8.64 -10.70
C ASN B 133 11.40 -8.92 -11.08
N VAL B 134 12.29 -8.91 -10.09
CA VAL B 134 13.72 -8.99 -10.34
C VAL B 134 14.12 -10.46 -10.41
N VAL B 135 14.56 -10.90 -11.58
CA VAL B 135 14.73 -12.30 -11.88
C VAL B 135 16.22 -12.56 -12.07
N SER B 136 16.73 -13.55 -11.35
CA SER B 136 18.16 -13.81 -11.33
C SER B 136 18.47 -15.17 -11.89
N ALA B 137 17.44 -15.92 -12.25
CA ALA B 137 17.56 -17.07 -13.14
C ALA B 137 18.12 -16.61 -14.52
N TRP B 138 18.56 -17.61 -15.27
CA TRP B 138 19.45 -17.46 -16.39
C TRP B 138 19.28 -18.67 -17.33
N TRP B 139 18.99 -18.37 -18.59
CA TRP B 139 18.83 -19.35 -19.63
C TRP B 139 20.03 -19.11 -20.53
N GLU B 140 20.97 -20.04 -20.51
CA GLU B 140 22.28 -19.89 -21.17
C GLU B 140 22.16 -19.70 -22.68
N GLU B 141 21.30 -20.48 -23.33
CA GLU B 141 21.07 -20.29 -24.75
C GLU B 141 20.57 -18.87 -25.04
N GLU B 142 19.69 -18.33 -24.18
CA GLU B 142 19.17 -16.98 -24.38
C GLU B 142 20.28 -15.95 -24.23
N ALA B 143 21.08 -16.10 -23.19
CA ALA B 143 22.23 -15.20 -22.97
C ALA B 143 23.15 -15.16 -24.18
N LYS B 144 23.41 -16.30 -24.79
CA LYS B 144 24.35 -16.39 -25.88
C LYS B 144 23.77 -15.74 -27.09
N GLN B 145 22.48 -16.02 -27.33
CA GLN B 145 21.81 -15.43 -28.47
C GLN B 145 21.62 -13.91 -28.34
N TYR B 146 21.56 -13.39 -27.12
CA TYR B 146 21.10 -11.99 -26.88
C TYR B 146 22.09 -11.08 -26.12
N GLY B 147 23.33 -11.53 -25.95
CA GLY B 147 24.36 -10.68 -25.36
C GLY B 147 24.17 -10.47 -23.88
N GLY B 148 23.55 -11.44 -23.23
CA GLY B 148 23.37 -11.39 -21.79
C GLY B 148 24.72 -11.64 -21.18
N VAL B 149 25.04 -10.89 -20.12
CA VAL B 149 26.37 -10.96 -19.51
C VAL B 149 26.39 -12.12 -18.50
N PHE B 150 27.28 -13.07 -18.74
CA PHE B 150 27.41 -14.25 -17.87
C PHE B 150 28.04 -13.86 -16.54
N THR B 151 27.51 -14.46 -15.47
CA THR B 151 28.13 -14.36 -14.16
C THR B 151 28.21 -15.77 -13.58
N ALA B 152 29.29 -16.04 -12.85
CA ALA B 152 29.42 -17.26 -12.05
C ALA B 152 28.18 -17.48 -11.15
N HIS B 153 27.68 -18.72 -11.15
CA HIS B 153 26.53 -19.12 -10.33
CA HIS B 153 26.50 -19.08 -10.37
C HIS B 153 26.53 -18.44 -8.97
N ASP B 154 27.71 -18.36 -8.35
CA ASP B 154 27.85 -17.76 -7.02
C ASP B 154 27.69 -16.23 -7.01
N GLU B 155 28.21 -15.55 -8.02
CA GLU B 155 28.18 -14.08 -8.07
C GLU B 155 26.97 -13.53 -8.85
N ARG B 156 26.06 -14.40 -9.25
CA ARG B 156 24.87 -13.98 -9.93
C ARG B 156 24.01 -13.07 -9.07
N TYR B 157 23.90 -13.43 -7.79
CA TYR B 157 23.15 -12.66 -6.84
C TYR B 157 23.94 -11.45 -6.32
N ASP B 158 25.26 -11.47 -6.43
CA ASP B 158 26.04 -10.26 -6.15
C ASP B 158 25.68 -9.19 -7.17
N ARG B 159 25.57 -9.57 -8.44
CA ARG B 159 25.19 -8.64 -9.50
C ARG B 159 23.80 -8.07 -9.26
N THR B 160 22.85 -8.92 -8.89
CA THR B 160 21.50 -8.49 -8.57
C THR B 160 21.44 -7.50 -7.42
N GLU B 161 22.24 -7.73 -6.40
CA GLU B 161 22.31 -6.85 -5.24
C GLU B 161 22.79 -5.46 -5.64
N GLU B 162 23.85 -5.41 -6.42
CA GLU B 162 24.33 -4.13 -6.95
C GLU B 162 23.26 -3.50 -7.88
N PHE B 163 22.67 -4.31 -8.77
CA PHE B 163 21.63 -3.83 -9.64
C PHE B 163 20.50 -3.14 -8.88
N VAL B 164 19.92 -3.79 -7.89
CA VAL B 164 18.80 -3.19 -7.16
C VAL B 164 19.19 -2.03 -6.25
N THR B 165 20.42 -2.05 -5.70
CA THR B 165 20.89 -0.92 -4.93
C THR B 165 20.96 0.32 -5.80
N ILE B 166 21.40 0.18 -7.04
CA ILE B 166 21.43 1.31 -7.99
C ILE B 166 20.01 1.82 -8.35
N LEU B 167 19.11 0.90 -8.66
CA LEU B 167 17.74 1.31 -8.89
C LEU B 167 17.18 2.21 -7.75
N LYS B 168 17.25 1.70 -6.53
CA LYS B 168 16.65 2.37 -5.37
C LYS B 168 17.35 3.68 -5.06
N GLY B 169 18.67 3.69 -5.23
CA GLY B 169 19.43 4.91 -5.10
C GLY B 169 19.02 5.99 -6.06
N LEU B 170 18.81 5.64 -7.34
CA LEU B 170 18.48 6.63 -8.37
C LEU B 170 17.06 7.16 -8.22
N TRP B 171 16.17 6.32 -7.75
CA TRP B 171 14.82 6.75 -7.48
C TRP B 171 14.69 7.63 -6.25
N LYS B 172 15.64 7.50 -5.30
CA LYS B 172 15.56 8.22 -4.01
C LYS B 172 16.37 9.54 -3.96
N GLU B 173 17.60 9.54 -4.41
CA GLU B 173 18.51 10.65 -4.18
C GLU B 173 18.59 11.57 -5.40
N GLU B 174 18.78 12.87 -5.13
CA GLU B 174 19.01 13.90 -6.13
C GLU B 174 20.24 13.61 -7.00
N GLU B 175 21.26 13.06 -6.36
CA GLU B 175 22.54 12.85 -7.01
C GLU B 175 23.14 11.60 -6.41
N PHE B 176 23.37 10.56 -7.20
CA PHE B 176 23.73 9.26 -6.63
C PHE B 176 25.03 8.75 -7.21
N SER B 177 25.91 8.26 -6.34
CA SER B 177 27.17 7.67 -6.80
C SER B 177 27.32 6.25 -6.28
N TYR B 178 27.97 5.43 -7.10
CA TYR B 178 28.13 4.02 -6.76
C TYR B 178 29.38 3.44 -7.40
N LYS B 179 30.11 2.65 -6.63
CA LYS B 179 31.24 1.89 -7.15
C LYS B 179 31.10 0.49 -6.58
N GLY B 180 31.07 -0.49 -7.46
CA GLY B 180 31.03 -1.87 -6.99
C GLY B 180 31.75 -2.78 -7.95
N ASN B 181 31.55 -4.07 -7.77
CA ASN B 181 32.22 -5.05 -8.62
C ASN B 181 31.70 -5.13 -10.05
N PHE B 182 30.47 -4.65 -10.28
CA PHE B 182 29.84 -4.80 -11.58
C PHE B 182 29.50 -3.50 -12.30
N TYR B 183 29.35 -2.43 -11.52
CA TYR B 183 28.86 -1.16 -12.03
C TYR B 183 29.53 -0.04 -11.26
N GLU B 184 29.65 1.10 -11.92
CA GLU B 184 30.20 2.30 -11.28
C GLU B 184 29.48 3.48 -11.91
N LEU B 185 28.97 4.37 -11.07
CA LEU B 185 28.26 5.56 -11.49
C LEU B 185 28.74 6.77 -10.69
N HIS B 186 28.84 7.92 -11.35
CA HIS B 186 29.35 9.14 -10.75
C HIS B 186 28.31 10.27 -10.77
N HIS B 187 27.84 10.67 -9.60
CA HIS B 187 27.00 11.87 -9.49
C HIS B 187 25.80 11.83 -10.45
N THR B 188 25.10 10.70 -10.43
CA THR B 188 24.04 10.46 -11.39
C THR B 188 22.77 11.17 -10.98
N HIS B 189 22.19 11.90 -11.92
CA HIS B 189 20.86 12.47 -11.73
C HIS B 189 19.81 11.71 -12.51
N LEU B 190 18.60 11.71 -11.97
CA LEU B 190 17.45 11.12 -12.65
C LEU B 190 16.19 11.87 -12.28
N SER B 191 15.49 12.39 -13.28
CA SER B 191 14.25 13.10 -13.06
C SER B 191 13.28 12.91 -14.21
N PRO B 192 11.99 12.75 -13.90
CA PRO B 192 11.38 12.71 -12.54
C PRO B 192 11.60 11.40 -11.85
N LYS B 193 11.46 11.38 -10.52
CA LYS B 193 11.46 10.17 -9.76
C LYS B 193 10.14 9.46 -9.97
N PRO B 194 10.01 8.24 -9.43
CA PRO B 194 8.71 7.56 -9.47
C PRO B 194 7.59 8.35 -8.80
N VAL B 195 6.33 7.94 -9.01
CA VAL B 195 5.20 8.71 -8.54
C VAL B 195 5.19 8.77 -6.99
N GLN B 196 5.28 7.62 -6.32
CA GLN B 196 5.29 7.56 -4.86
C GLN B 196 6.72 7.58 -4.29
N LYS B 197 6.87 8.29 -3.17
CA LYS B 197 8.18 8.54 -2.56
C LYS B 197 8.94 7.28 -2.19
N GLN B 198 8.25 6.21 -1.81
CA GLN B 198 8.96 4.95 -1.48
C GLN B 198 9.70 4.33 -2.67
N GLY B 199 9.27 4.67 -3.88
CA GLY B 199 9.94 4.21 -5.09
C GLY B 199 9.05 3.23 -5.83
N ILE B 200 9.65 2.15 -6.28
CA ILE B 200 8.94 1.19 -7.12
C ILE B 200 9.12 -0.14 -6.44
N LYS B 201 8.01 -0.80 -6.20
CA LYS B 201 8.02 -2.04 -5.50
C LYS B 201 8.83 -3.08 -6.25
N LEU B 202 9.74 -3.74 -5.54
CA LEU B 202 10.57 -4.82 -6.09
C LEU B 202 10.18 -6.18 -5.52
N TYR B 203 9.59 -7.01 -6.35
CA TYR B 203 9.35 -8.41 -6.06
C TYR B 203 10.58 -9.16 -6.51
N ALA B 204 10.83 -10.31 -5.89
CA ALA B 204 11.98 -11.12 -6.29
C ALA B 204 11.70 -12.56 -5.93
N GLY B 205 12.28 -13.46 -6.72
CA GLY B 205 12.19 -14.87 -6.51
C GLY B 205 13.57 -15.46 -6.42
N GLY B 206 13.62 -16.72 -5.98
CA GLY B 206 14.87 -17.42 -5.82
C GLY B 206 14.78 -18.40 -4.67
N GLU B 207 15.40 -19.58 -4.86
CA GLU B 207 15.40 -20.63 -3.85
C GLU B 207 16.75 -20.84 -3.11
N SER B 208 17.86 -20.38 -3.68
CA SER B 208 19.17 -20.64 -3.07
C SER B 208 19.38 -19.76 -1.84
N LYS B 209 20.20 -20.23 -0.90
CA LYS B 209 20.47 -19.51 0.34
C LYS B 209 20.91 -18.10 0.01
N ARG B 210 21.83 -17.99 -0.95
CA ARG B 210 22.35 -16.69 -1.38
C ARG B 210 21.26 -15.83 -2.01
N GLY B 211 20.37 -16.44 -2.78
CA GLY B 211 19.25 -15.72 -3.35
C GLY B 211 18.33 -15.15 -2.29
N LYS B 212 17.97 -15.99 -1.33
CA LYS B 212 17.05 -15.61 -0.27
C LYS B 212 17.58 -14.43 0.52
N GLU B 213 18.89 -14.38 0.71
CA GLU B 213 19.54 -13.31 1.48
C GLU B 213 19.37 -11.98 0.76
N VAL B 214 19.52 -12.02 -0.56
CA VAL B 214 19.43 -10.81 -1.34
C VAL B 214 17.98 -10.28 -1.32
N ILE B 215 17.04 -11.21 -1.47
CA ILE B 215 15.65 -10.85 -1.46
C ILE B 215 15.28 -10.14 -0.14
N VAL B 216 15.64 -10.78 0.95
CA VAL B 216 15.32 -10.33 2.29
C VAL B 216 16.00 -9.03 2.66
N ASN B 217 17.21 -8.82 2.15
CA ASN B 217 17.95 -7.59 2.47
C ASN B 217 17.71 -6.44 1.51
N HIS B 218 17.18 -6.69 0.30
CA HIS B 218 17.15 -5.66 -0.77
C HIS B 218 15.84 -5.53 -1.56
N ALA B 219 14.95 -6.51 -1.43
CA ALA B 219 13.67 -6.54 -2.12
C ALA B 219 12.53 -6.20 -1.18
N ASP B 220 11.35 -6.01 -1.75
CA ASP B 220 10.17 -5.66 -1.00
C ASP B 220 9.16 -6.79 -0.90
N ALA B 221 9.26 -7.80 -1.77
CA ALA B 221 8.23 -8.84 -1.83
C ALA B 221 8.81 -10.10 -2.43
N TYR B 222 8.18 -11.24 -2.15
CA TYR B 222 8.66 -12.55 -2.56
C TYR B 222 7.68 -13.28 -3.46
N VAL B 223 8.15 -13.78 -4.59
CA VAL B 223 7.31 -14.58 -5.48
C VAL B 223 7.91 -15.95 -5.66
N MSE B 224 7.04 -16.92 -5.87
CA MSE B 224 7.40 -18.33 -5.86
C MSE B 224 6.79 -19.05 -7.03
O MSE B 224 5.66 -18.76 -7.41
CB MSE B 224 6.81 -18.97 -4.62
CG MSE B 224 7.43 -18.50 -3.34
SE MSE B 224 6.42 -19.08 -1.77
CE MSE B 224 4.98 -17.73 -1.87
N HIS B 225 7.50 -20.06 -7.53
CA HIS B 225 6.90 -20.97 -8.49
C HIS B 225 5.93 -21.89 -7.76
N GLY B 226 5.16 -22.68 -8.51
CA GLY B 226 4.15 -23.54 -7.91
C GLY B 226 4.67 -24.47 -6.82
N GLY B 227 3.82 -24.74 -5.83
CA GLY B 227 4.08 -25.73 -4.79
C GLY B 227 2.78 -26.21 -4.15
N THR B 228 2.89 -27.29 -3.37
CA THR B 228 1.81 -27.77 -2.51
C THR B 228 1.65 -26.77 -1.38
N VAL B 229 0.47 -26.79 -0.75
CA VAL B 229 0.21 -25.96 0.39
C VAL B 229 1.31 -26.13 1.44
N GLU B 230 1.73 -27.37 1.67
CA GLU B 230 2.77 -27.66 2.68
C GLU B 230 4.14 -27.07 2.29
N GLU B 231 4.57 -27.24 1.05
CA GLU B 231 5.81 -26.60 0.55
C GLU B 231 5.79 -25.06 0.61
N VAL B 232 4.64 -24.49 0.32
CA VAL B 232 4.54 -23.05 0.31
C VAL B 232 4.52 -22.54 1.73
N SER B 233 3.89 -23.28 2.64
CA SER B 233 3.83 -22.91 4.06
C SER B 233 5.21 -22.86 4.69
N VAL B 234 6.03 -23.86 4.38
CA VAL B 234 7.42 -23.88 4.83
C VAL B 234 8.23 -22.76 4.18
N LYS B 235 8.10 -22.58 2.87
CA LYS B 235 8.86 -21.51 2.19
C LYS B 235 8.57 -20.12 2.74
N ILE B 236 7.31 -19.85 3.02
CA ILE B 236 6.87 -18.55 3.53
C ILE B 236 7.35 -18.33 4.99
N GLU B 237 7.10 -19.31 5.85
CA GLU B 237 7.50 -19.21 7.27
C GLU B 237 9.01 -18.95 7.37
N ASP B 238 9.82 -19.69 6.60
CA ASP B 238 11.27 -19.50 6.55
C ASP B 238 11.64 -18.10 6.12
N MSE B 239 10.93 -17.58 5.14
CA MSE B 239 11.26 -16.26 4.60
C MSE B 239 10.87 -15.15 5.59
O MSE B 239 11.61 -14.18 5.72
CB MSE B 239 10.57 -16.03 3.26
CG MSE B 239 11.40 -15.17 2.34
SE MSE B 239 13.04 -16.04 1.63
CE MSE B 239 13.55 -14.45 0.63
N LYS B 240 9.73 -15.31 6.26
CA LYS B 240 9.36 -14.41 7.35
C LYS B 240 10.43 -14.39 8.45
N ASN B 241 10.93 -15.55 8.87
CA ASN B 241 12.01 -15.60 9.84
C ASN B 241 13.31 -14.95 9.35
N ARG B 242 13.75 -15.25 8.14
CA ARG B 242 14.96 -14.60 7.66
C ARG B 242 14.76 -13.08 7.63
N ARG B 243 13.59 -12.65 7.24
CA ARG B 243 13.37 -11.21 7.03
C ARG B 243 13.34 -10.50 8.40
N LYS B 244 12.75 -11.16 9.39
CA LYS B 244 12.60 -10.57 10.71
C LYS B 244 13.97 -10.35 11.37
N LYS B 245 14.93 -11.21 11.07
CA LYS B 245 16.27 -11.05 11.63
C LYS B 245 16.97 -9.82 11.11
N VAL B 246 16.56 -9.33 9.95
CA VAL B 246 17.23 -8.21 9.30
C VAL B 246 16.48 -6.88 9.45
N THR B 247 15.17 -6.90 9.59
CA THR B 247 14.40 -5.67 9.66
C THR B 247 13.02 -5.90 10.26
N GLU B 248 12.44 -4.86 10.85
CA GLU B 248 11.06 -4.93 11.32
C GLU B 248 10.00 -4.80 10.22
N GLU B 249 10.39 -4.34 9.04
CA GLU B 249 9.44 -4.18 7.96
C GLU B 249 9.27 -5.50 7.23
N PRO B 250 8.06 -6.04 7.23
CA PRO B 250 7.88 -7.34 6.59
C PRO B 250 7.97 -7.26 5.08
N LEU B 251 8.06 -8.43 4.46
CA LEU B 251 7.82 -8.57 3.06
C LEU B 251 6.37 -8.17 2.77
N GLN B 252 6.20 -7.43 1.70
CA GLN B 252 4.92 -6.81 1.40
C GLN B 252 3.93 -7.76 0.72
N SER B 253 4.41 -8.77 -0.01
CA SER B 253 3.57 -9.81 -0.62
C SER B 253 4.30 -11.16 -0.71
N PHE B 254 3.52 -12.22 -0.80
CA PHE B 254 4.01 -13.55 -1.12
C PHE B 254 3.19 -14.01 -2.29
N GLY B 255 3.83 -14.03 -3.47
CA GLY B 255 3.20 -14.41 -4.72
C GLY B 255 3.44 -15.87 -5.05
N LEU B 256 2.41 -16.51 -5.62
CA LEU B 256 2.43 -17.91 -5.99
C LEU B 256 1.90 -18.10 -7.41
N ALA B 257 2.72 -18.66 -8.29
CA ALA B 257 2.27 -19.05 -9.66
C ALA B 257 1.37 -20.29 -9.61
N ALA B 258 0.29 -20.28 -10.39
CA ALA B 258 -0.56 -21.45 -10.53
C ALA B 258 -1.24 -21.40 -11.89
N TYR B 259 -1.50 -22.58 -12.46
CA TYR B 259 -2.30 -22.75 -13.67
C TYR B 259 -3.63 -23.31 -13.26
N VAL B 260 -4.71 -22.70 -13.71
CA VAL B 260 -6.04 -23.06 -13.22
C VAL B 260 -6.82 -23.85 -14.23
N ILE B 261 -7.39 -24.97 -13.81
CA ILE B 261 -8.32 -25.74 -14.63
C ILE B 261 -9.60 -25.86 -13.80
N CYS B 262 -10.56 -24.99 -14.08
CA CYS B 262 -11.85 -24.96 -13.42
C CYS B 262 -12.90 -25.47 -14.36
N ARG B 263 -13.70 -26.44 -13.89
CA ARG B 263 -14.75 -27.02 -14.72
C ARG B 263 -15.94 -27.36 -13.86
N HIS B 264 -17.08 -27.61 -14.49
CA HIS B 264 -18.31 -27.84 -13.76
C HIS B 264 -18.22 -29.13 -12.93
N THR B 265 -17.60 -30.18 -13.48
CA THR B 265 -17.31 -31.38 -12.71
C THR B 265 -15.82 -31.66 -12.64
N GLU B 266 -15.42 -32.35 -11.57
CA GLU B 266 -14.05 -32.74 -11.33
C GLU B 266 -13.55 -33.58 -12.49
N GLU B 267 -14.40 -34.47 -12.98
CA GLU B 267 -14.02 -35.35 -14.05
C GLU B 267 -13.58 -34.59 -15.31
N GLU B 268 -14.30 -33.55 -15.66
CA GLU B 268 -13.92 -32.75 -16.80
C GLU B 268 -12.57 -32.07 -16.53
N ALA B 269 -12.33 -31.60 -15.31
CA ALA B 269 -11.05 -30.98 -14.99
C ALA B 269 -9.90 -31.98 -15.14
N LEU B 270 -10.10 -33.20 -14.65
CA LEU B 270 -9.08 -34.24 -14.78
C LEU B 270 -8.80 -34.55 -16.25
N GLU B 271 -9.84 -34.51 -17.08
CA GLU B 271 -9.68 -34.79 -18.50
C GLU B 271 -8.87 -33.70 -19.22
N GLU B 272 -9.00 -32.45 -18.80
CA GLU B 272 -8.20 -31.37 -19.39
C GLU B 272 -6.76 -31.49 -18.93
N TRP B 273 -6.57 -31.94 -17.70
CA TRP B 273 -5.25 -32.18 -17.12
C TRP B 273 -4.54 -33.27 -17.89
N ARG B 274 -5.23 -34.37 -18.14
CA ARG B 274 -4.73 -35.41 -19.03
C ARG B 274 -4.38 -34.86 -20.40
N ARG B 275 -5.30 -34.15 -21.03
CA ARG B 275 -5.04 -33.60 -22.37
C ARG B 275 -3.77 -32.77 -22.41
N ILE B 276 -3.56 -31.89 -21.43
CA ILE B 276 -2.47 -30.94 -21.56
C ILE B 276 -1.11 -31.47 -21.14
N THR B 277 -1.10 -32.61 -20.43
CA THR B 277 0.15 -33.26 -20.02
C THR B 277 0.44 -34.53 -20.84
N ASP B 278 -0.47 -34.88 -21.74
CA ASP B 278 -0.30 -35.99 -22.67
C ASP B 278 0.78 -35.67 -23.73
N VAL B 279 1.90 -36.37 -23.68
CA VAL B 279 3.10 -36.00 -24.46
C VAL B 279 3.17 -36.71 -25.84
N LYS B 280 2.37 -37.77 -26.01
CA LYS B 280 2.21 -38.45 -27.31
C LYS B 280 1.85 -37.47 -28.43
N ALA B 283 2.27 -38.32 -32.73
CA ALA B 283 1.58 -39.49 -33.29
C ALA B 283 2.55 -40.50 -33.92
N LEU B 284 3.59 -40.86 -33.15
CA LEU B 284 4.65 -41.78 -33.58
C LEU B 284 4.40 -43.25 -33.18
N GLY B 285 3.21 -43.76 -33.49
CA GLY B 285 2.87 -45.16 -33.23
C GLY B 285 2.94 -45.50 -31.76
N TYR B 286 2.55 -44.51 -30.95
CA TYR B 286 2.63 -44.60 -29.51
C TYR B 286 1.28 -44.18 -28.91
N ALA B 287 0.51 -45.18 -28.50
CA ALA B 287 -0.70 -44.99 -27.70
C ALA B 287 -0.34 -44.99 -26.21
N GLY B 288 0.68 -45.78 -25.85
CA GLY B 288 1.06 -46.00 -24.46
C GLY B 288 0.46 -47.29 -23.97
N TYR B 289 0.53 -47.50 -22.66
CA TYR B 289 -0.01 -48.71 -22.03
C TYR B 289 -0.81 -48.25 -20.82
N GLN B 290 -1.45 -49.18 -20.10
CA GLN B 290 -2.29 -48.81 -18.96
C GLN B 290 -2.91 -47.42 -19.21
N ASP B 291 -3.51 -47.23 -20.39
CA ASP B 291 -3.78 -45.88 -20.91
C ASP B 291 -4.61 -44.97 -20.00
N PHE B 292 -5.55 -45.53 -19.25
CA PHE B 292 -6.37 -44.74 -18.33
C PHE B 292 -5.53 -44.15 -17.20
N VAL B 293 -5.40 -42.82 -17.18
CA VAL B 293 -4.60 -42.12 -16.17
C VAL B 293 -5.49 -41.63 -15.03
N SER B 294 -5.16 -42.02 -13.81
CA SER B 294 -6.00 -41.72 -12.66
C SER B 294 -5.67 -40.37 -12.06
N LYS B 295 -6.55 -39.91 -11.18
CA LYS B 295 -6.34 -38.68 -10.42
C LYS B 295 -5.04 -38.74 -9.61
N SER B 296 -4.80 -39.90 -9.00
CA SER B 296 -3.64 -40.12 -8.17
C SER B 296 -2.38 -40.00 -9.00
N GLN B 297 -2.43 -40.60 -10.18
CA GLN B 297 -1.32 -40.62 -11.11
C GLN B 297 -1.05 -39.22 -11.68
N LEU B 298 -2.11 -38.48 -12.01
CA LEU B 298 -1.97 -37.11 -12.48
C LEU B 298 -1.27 -36.24 -11.43
N GLU B 299 -1.63 -36.46 -10.17
CA GLU B 299 -1.03 -35.73 -9.04
C GLU B 299 0.47 -36.00 -8.86
N GLN B 300 0.90 -37.18 -9.25
CA GLN B 300 2.26 -37.61 -8.97
C GLN B 300 3.21 -37.52 -10.18
N GLN B 301 2.70 -37.21 -11.37
CA GLN B 301 3.55 -37.06 -12.56
C GLN B 301 4.28 -35.69 -12.55
N VAL B 302 5.18 -35.54 -11.59
CA VAL B 302 5.84 -34.27 -11.31
C VAL B 302 6.60 -33.74 -12.54
N LYS B 303 7.40 -34.60 -13.16
CA LYS B 303 8.26 -34.18 -14.26
C LYS B 303 7.45 -33.75 -15.51
N LEU B 304 6.37 -34.48 -15.76
CA LEU B 304 5.54 -34.21 -16.90
C LEU B 304 4.71 -32.94 -16.62
N ASN B 305 4.22 -32.79 -15.39
CA ASN B 305 3.52 -31.60 -14.98
C ASN B 305 4.45 -30.40 -15.18
N ASP B 306 5.67 -30.46 -14.64
CA ASP B 306 6.63 -29.38 -14.79
C ASP B 306 6.98 -29.01 -16.23
N TYR B 307 6.89 -29.96 -17.15
CA TYR B 307 7.22 -29.69 -18.53
C TYR B 307 6.01 -29.06 -19.22
N SER B 308 4.83 -29.57 -18.89
CA SER B 308 3.65 -29.20 -19.63
C SER B 308 3.26 -27.72 -19.48
N VAL B 309 3.43 -27.17 -18.27
CA VAL B 309 3.21 -25.74 -18.01
C VAL B 309 4.37 -25.19 -17.20
N SER B 310 4.70 -23.92 -17.41
CA SER B 310 5.82 -23.30 -16.72
C SER B 310 5.53 -22.93 -15.27
N ASN B 311 6.60 -22.56 -14.58
CA ASN B 311 6.56 -22.15 -13.18
C ASN B 311 5.89 -23.12 -12.23
N ARG B 312 5.97 -24.41 -12.55
CA ARG B 312 5.31 -25.46 -11.76
C ARG B 312 3.83 -25.16 -11.55
N GLY B 313 3.21 -24.54 -12.54
CA GLY B 313 1.82 -24.10 -12.46
C GLY B 313 0.81 -25.12 -11.96
N LEU B 314 1.00 -26.39 -12.33
CA LEU B 314 0.03 -27.42 -11.92
C LEU B 314 0.21 -27.90 -10.50
N ARG B 315 1.35 -27.60 -9.90
CA ARG B 315 1.67 -28.21 -8.61
C ARG B 315 0.76 -27.69 -7.48
N PRO B 316 0.29 -26.42 -7.56
CA PRO B 316 -0.68 -26.00 -6.57
C PRO B 316 -2.02 -26.68 -6.68
N ASN B 317 -2.30 -27.33 -7.81
CA ASN B 317 -3.45 -28.19 -7.92
C ASN B 317 -4.75 -27.43 -7.93
N LEU B 318 -4.74 -26.22 -8.51
CA LEU B 318 -5.98 -25.49 -8.67
C LEU B 318 -6.70 -26.11 -9.87
N ILE B 319 -7.16 -27.33 -9.68
CA ILE B 319 -7.69 -28.14 -10.76
C ILE B 319 -8.86 -28.93 -10.23
N GLY B 320 -10.04 -28.66 -10.79
CA GLY B 320 -11.28 -29.22 -10.25
C GLY B 320 -12.47 -28.30 -10.46
N THR B 321 -13.47 -28.43 -9.59
CA THR B 321 -14.68 -27.61 -9.63
C THR B 321 -14.40 -26.23 -9.03
N PRO B 322 -15.30 -25.27 -9.26
CA PRO B 322 -15.16 -23.98 -8.60
C PRO B 322 -15.01 -24.09 -7.09
N GLU B 323 -15.78 -24.98 -6.48
CA GLU B 323 -15.73 -25.25 -5.02
C GLU B 323 -14.38 -25.81 -4.55
N GLN B 324 -13.84 -26.77 -5.26
CA GLN B 324 -12.56 -27.34 -4.88
C GLN B 324 -11.44 -26.29 -4.99
N ILE B 325 -11.47 -25.50 -6.07
CA ILE B 325 -10.49 -24.47 -6.33
C ILE B 325 -10.56 -23.38 -5.28
N ALA B 326 -11.79 -23.00 -4.89
CA ALA B 326 -11.97 -22.00 -3.83
C ALA B 326 -11.42 -22.47 -2.49
N GLU B 327 -11.68 -23.71 -2.11
CA GLU B 327 -11.18 -24.22 -0.82
C GLU B 327 -9.65 -24.23 -0.82
N ARG B 328 -9.06 -24.56 -1.96
CA ARG B 328 -7.61 -24.67 -2.05
C ARG B 328 -6.95 -23.29 -2.01
N ILE B 329 -7.63 -22.30 -2.58
CA ILE B 329 -7.12 -20.95 -2.51
C ILE B 329 -7.15 -20.49 -1.06
N LEU B 330 -8.25 -20.72 -0.37
CA LEU B 330 -8.32 -20.39 1.05
C LEU B 330 -7.22 -21.08 1.84
N ALA B 331 -6.91 -22.32 1.50
CA ALA B 331 -5.85 -23.02 2.19
C ALA B 331 -4.51 -22.35 1.93
N PHE B 332 -4.28 -21.89 0.70
CA PHE B 332 -3.05 -21.15 0.41
C PHE B 332 -3.02 -19.81 1.14
N GLU B 333 -4.14 -19.14 1.16
CA GLU B 333 -4.23 -17.87 1.85
C GLU B 333 -3.92 -18.08 3.36
N LYS B 334 -4.41 -19.17 3.96
CA LYS B 334 -4.11 -19.44 5.38
C LYS B 334 -2.64 -19.58 5.73
N VAL B 335 -1.80 -20.09 4.83
CA VAL B 335 -0.37 -20.24 5.15
C VAL B 335 0.44 -19.04 4.68
N GLY B 336 -0.24 -17.99 4.26
CA GLY B 336 0.42 -16.71 4.00
C GLY B 336 0.51 -16.21 2.56
N VAL B 337 -0.14 -16.86 1.61
CA VAL B 337 -0.07 -16.38 0.24
C VAL B 337 -0.96 -15.17 0.13
N THR B 338 -0.44 -14.07 -0.41
CA THR B 338 -1.20 -12.81 -0.53
C THR B 338 -1.58 -12.50 -1.98
N LEU B 339 -0.91 -13.13 -2.93
CA LEU B 339 -1.10 -12.82 -4.34
C LEU B 339 -1.01 -14.09 -5.16
N LEU B 340 -2.00 -14.37 -6.01
CA LEU B 340 -1.88 -15.49 -6.96
C LEU B 340 -1.53 -14.91 -8.32
N LEU B 341 -0.60 -15.57 -9.00
CA LEU B 341 -0.18 -15.17 -10.32
C LEU B 341 -0.61 -16.26 -11.28
N LEU B 342 -1.82 -16.10 -11.82
CA LEU B 342 -2.52 -17.15 -12.53
C LEU B 342 -2.32 -17.22 -14.05
N GLN B 343 -2.23 -18.45 -14.54
CA GLN B 343 -2.32 -18.75 -15.97
C GLN B 343 -3.55 -19.58 -16.26
N PHE B 344 -4.13 -19.38 -17.43
CA PHE B 344 -5.25 -20.16 -17.92
C PHE B 344 -5.13 -20.25 -19.43
N SER B 345 -5.86 -21.18 -20.02
CA SER B 345 -5.90 -21.30 -21.47
C SER B 345 -7.24 -21.92 -21.86
N PRO B 346 -7.96 -21.30 -22.81
CA PRO B 346 -7.72 -19.99 -23.44
C PRO B 346 -7.96 -18.83 -22.47
N GLN B 347 -6.96 -17.96 -22.32
CA GLN B 347 -6.86 -17.12 -21.15
C GLN B 347 -8.04 -16.19 -20.91
N LEU B 348 -8.44 -15.44 -21.92
CA LEU B 348 -9.55 -14.47 -21.78
C LEU B 348 -10.83 -15.15 -21.28
N GLU B 349 -11.25 -16.20 -21.97
CA GLU B 349 -12.47 -16.90 -21.60
C GLU B 349 -12.39 -17.56 -20.20
N GLU B 350 -11.25 -18.15 -19.87
CA GLU B 350 -11.09 -18.82 -18.57
C GLU B 350 -10.98 -17.84 -17.40
N MSE B 351 -10.48 -16.64 -17.67
CA MSE B 351 -10.45 -15.59 -16.65
C MSE B 351 -11.87 -15.15 -16.32
O MSE B 351 -12.21 -14.93 -15.16
CB MSE B 351 -9.63 -14.40 -17.11
CG MSE B 351 -8.16 -14.70 -17.02
SE MSE B 351 -7.02 -13.24 -17.61
CE MSE B 351 -7.42 -12.02 -16.16
N LYS B 352 -12.69 -15.03 -17.35
CA LYS B 352 -14.08 -14.68 -17.14
C LYS B 352 -14.75 -15.77 -16.28
N ARG B 353 -14.53 -17.05 -16.59
CA ARG B 353 -15.10 -18.15 -15.77
C ARG B 353 -14.60 -18.12 -14.32
N PHE B 354 -13.31 -17.90 -14.14
CA PHE B 354 -12.75 -17.81 -12.79
C PHE B 354 -13.42 -16.72 -11.97
N SER B 355 -13.67 -15.59 -12.63
CA SER B 355 -14.27 -14.40 -12.00
C SER B 355 -15.75 -14.63 -11.63
N GLU B 356 -16.50 -15.22 -12.55
CA GLU B 356 -17.90 -15.57 -12.27
C GLU B 356 -18.06 -16.65 -11.21
N LYS B 357 -17.26 -17.73 -11.27
CA LYS B 357 -17.52 -18.94 -10.48
C LYS B 357 -16.63 -19.15 -9.24
N VAL B 358 -15.34 -18.81 -9.31
CA VAL B 358 -14.43 -19.07 -8.16
C VAL B 358 -14.41 -17.91 -7.16
N MSE B 359 -14.21 -16.71 -7.67
CA MSE B 359 -14.07 -15.54 -6.80
C MSE B 359 -15.19 -15.37 -5.76
O MSE B 359 -14.88 -15.10 -4.60
CB MSE B 359 -13.93 -14.26 -7.63
CG MSE B 359 -12.54 -14.06 -8.13
SE MSE B 359 -12.35 -12.38 -9.15
CE MSE B 359 -10.86 -12.90 -10.35
N PRO B 360 -16.46 -15.48 -6.15
CA PRO B 360 -17.52 -15.37 -5.13
C PRO B 360 -17.46 -16.47 -4.08
N LEU B 361 -17.12 -17.68 -4.49
CA LEU B 361 -17.04 -18.80 -3.54
C LEU B 361 -15.91 -18.52 -2.55
N VAL B 362 -14.83 -17.91 -3.02
CA VAL B 362 -13.74 -17.52 -2.11
C VAL B 362 -14.28 -16.48 -1.13
N GLU B 363 -14.94 -15.44 -1.63
CA GLU B 363 -15.57 -14.46 -0.73
C GLU B 363 -16.51 -15.10 0.30
N ALA B 364 -17.44 -15.92 -0.17
CA ALA B 364 -18.43 -16.54 0.74
C ALA B 364 -17.75 -17.43 1.77
N LYS B 365 -16.85 -18.31 1.32
CA LYS B 365 -16.19 -19.26 2.23
C LYS B 365 -15.32 -18.59 3.27
N ARG B 366 -14.66 -17.49 2.93
CA ARG B 366 -13.91 -16.75 3.92
C ARG B 366 -14.84 -16.23 5.02
N LYS B 367 -15.87 -15.49 4.62
CA LYS B 367 -16.77 -14.80 5.54
C LYS B 367 -17.37 -15.75 6.61
N GLU B 368 -17.80 -16.94 6.19
CA GLU B 368 -18.31 -17.96 7.10
C GLU B 368 -17.19 -18.81 7.73
N LEU B 369 -16.00 -18.24 7.87
CA LEU B 369 -14.80 -18.98 8.29
C LEU B 369 -13.59 -18.07 8.53
S SO4 C . -16.32 14.51 17.08
O1 SO4 C . -16.91 15.73 17.65
O2 SO4 C . -17.33 13.88 16.23
O3 SO4 C . -15.10 14.85 16.34
O4 SO4 C . -15.99 13.54 18.13
S SO4 D . -11.88 25.57 19.51
O1 SO4 D . -12.78 25.24 18.39
O2 SO4 D . -11.23 24.35 19.99
O3 SO4 D . -10.85 26.50 19.05
O4 SO4 D . -12.65 26.23 20.58
S SO4 E . -11.53 11.49 17.39
O1 SO4 E . -10.47 12.25 18.06
O2 SO4 E . -11.13 11.19 16.01
O3 SO4 E . -11.82 10.23 18.08
O4 SO4 E . -12.73 12.31 17.40
S SO4 F . -20.86 14.87 -9.10
O1 SO4 F . -20.85 16.29 -9.50
O2 SO4 F . -21.02 13.95 -10.26
O3 SO4 F . -19.55 14.61 -8.49
O4 SO4 F . -21.94 14.66 -8.12
S SO4 G . -17.26 -25.94 -20.51
O1 SO4 G . -17.93 -24.88 -21.25
O2 SO4 G . -17.74 -27.24 -20.99
O3 SO4 G . -15.79 -25.88 -20.69
O4 SO4 G . -17.59 -25.81 -19.09
S SO4 H . 18.23 -19.58 -7.44
O1 SO4 H . 18.29 -18.93 -6.13
O2 SO4 H . 17.16 -20.58 -7.45
O3 SO4 H . 19.52 -20.24 -7.71
O4 SO4 H . 17.97 -18.58 -8.48
S SO4 I . 12.44 -25.57 -29.61
O1 SO4 I . 12.97 -24.25 -29.97
O2 SO4 I . 11.14 -25.74 -30.26
O3 SO4 I . 13.33 -26.64 -30.05
O4 SO4 I . 12.31 -25.63 -28.15
S SO4 J . 9.83 -23.21 -16.30
O1 SO4 J . 9.54 -22.01 -17.09
O2 SO4 J . 9.02 -24.33 -16.83
O3 SO4 J . 11.25 -23.55 -16.44
O4 SO4 J . 9.50 -22.93 -14.90
S SO4 K . 7.72 -18.24 -18.31
O1 SO4 K . 8.56 -17.12 -18.73
O2 SO4 K . 7.10 -18.86 -19.48
O3 SO4 K . 8.58 -19.21 -17.63
O4 SO4 K . 6.68 -17.77 -17.38
S SO4 L . -11.05 -32.79 -2.53
O1 SO4 L . -10.70 -31.37 -2.42
O2 SO4 L . -10.19 -33.45 -3.53
O3 SO4 L . -10.77 -33.43 -1.24
O4 SO4 L . -12.46 -32.96 -2.89
#